data_6K2D
#
_entry.id   6K2D
#
_cell.length_a   211.736
_cell.length_b   211.736
_cell.length_c   56.975
_cell.angle_alpha   90.00
_cell.angle_beta   90.00
_cell.angle_gamma   120.00
#
_symmetry.space_group_name_H-M   'P 31 2 1'
#
loop_
_entity.id
_entity.type
_entity.pdbx_description
1 polymer 'Guanylate-binding protein 1'
2 polymer 'E3 ubiquitin-protein ligase ipaH9.8'
#
loop_
_entity_poly.entity_id
_entity_poly.type
_entity_poly.pdbx_seq_one_letter_code
_entity_poly.pdbx_strand_id
1 'polypeptide(L)'
;SEMASEIHMTGPMCLIENTNGRLMANPEALKILSAITQPMVVVAIVGLYRTGKSYLMNKLAGKKKGFSLGSTVQSHTKGI
WMWCVPHPKKPGHILVLLDTEGLGDVEKGDNQNDSWIFALAVLLSSTFVYNSIGTINQQAMDQLYYVTELTHRIRSKSSP
DENENEVEDSADFVSFFPDFVWTLRDFSLDLEADGQPLTPDEYLTYSLKLKKGTSQKDETFNLPRLCIRKFFPKKKCFVF
DRPVHRRKLAQLEKLQDEELDPEFVQQVADFCSYIFSNSKTKTLSGGIQVNGPRLESLVLTYVNAISSGDLPCMENAVLA
LAQIENSAAVQKAIAHYEQQMGQKVQLPTETLQELLDLHRDSEREAIEVFIRSSFKDVDHLFQKELAAQLEKKRDDFCKQ
NQEASSDRCSALLQVIFSPLEEEVKAGIYSKPGGYRLFVQKLQDLKKKYYEEPRKGIQAEEILQTYLKSKESMTDAILQT
D
;
A
2 'polypeptide(L)'
;SGRPMTYADYFSAWDKWEKQALPGEERDEAVSRLKECLINNSDELRLDRLNLSSLPDNLPAQITLLNVSYNQLTNLPELP
VTLKKLYSASNKLSELPVLPPALESLQVQHNELENLPALPDSLLTMNISYNEIVSLPSLPQALKNLRATRNFLTELPAFS
EGNNPVVREYFFDRNQISHIPESILNLRNECSIHISDNPLSSHALPALQRLTSSPDYHGPRIYFSMSDGQQNTLHR
;
B
#
# COMPACT_ATOMS: atom_id res chain seq x y z
N ILE A 7 12.39 0.19 20.01
CA ILE A 7 12.77 0.24 18.59
C ILE A 7 13.85 1.30 18.40
N HIS A 8 14.60 1.19 17.30
CA HIS A 8 15.70 2.12 17.03
C HIS A 8 16.10 2.04 15.57
N MET A 9 15.90 3.13 14.83
CA MET A 9 16.41 3.28 13.48
C MET A 9 17.37 4.46 13.45
N THR A 10 18.50 4.29 12.76
CA THR A 10 19.46 5.38 12.59
C THR A 10 19.37 6.06 11.24
N GLY A 11 18.88 5.35 10.22
CA GLY A 11 18.71 5.91 8.91
C GLY A 11 17.36 5.54 8.31
N PRO A 12 16.62 6.54 7.84
CA PRO A 12 15.31 6.26 7.24
C PRO A 12 15.45 5.42 5.99
N MET A 13 14.57 4.44 5.85
CA MET A 13 14.59 3.51 4.72
C MET A 13 13.31 3.65 3.90
N CYS A 14 13.31 2.99 2.75
CA CYS A 14 12.22 3.12 1.81
C CYS A 14 11.02 2.28 2.24
N LEU A 15 9.85 2.91 2.32
CA LEU A 15 8.60 2.23 2.61
C LEU A 15 7.81 1.89 1.35
N ILE A 16 7.79 2.78 0.36
CA ILE A 16 7.17 2.54 -0.93
C ILE A 16 8.07 3.13 -1.99
N GLU A 17 8.71 2.28 -2.79
CA GLU A 17 9.52 2.76 -3.89
C GLU A 17 8.68 2.88 -5.16
N ASN A 18 9.07 3.82 -6.01
CA ASN A 18 8.32 4.17 -7.21
C ASN A 18 9.23 3.99 -8.43
N THR A 19 9.46 2.74 -8.81
CA THR A 19 10.36 2.42 -9.92
C THR A 19 9.64 1.54 -10.94
N ASN A 20 10.13 1.62 -12.18
CA ASN A 20 9.63 0.78 -13.28
C ASN A 20 8.13 0.96 -13.50
N GLY A 21 7.65 2.19 -13.31
CA GLY A 21 6.23 2.48 -13.52
C GLY A 21 5.31 1.65 -12.67
N ARG A 22 5.65 1.45 -11.40
CA ARG A 22 4.86 0.60 -10.52
C ARG A 22 5.05 1.05 -9.09
N LEU A 23 3.97 1.02 -8.31
CA LEU A 23 4.01 1.31 -6.88
C LEU A 23 4.14 0.00 -6.12
N MET A 24 5.30 -0.22 -5.50
CA MET A 24 5.58 -1.43 -4.76
C MET A 24 5.93 -1.09 -3.32
N ALA A 25 5.60 -2.00 -2.41
CA ALA A 25 6.01 -1.89 -1.03
C ALA A 25 7.38 -2.54 -0.84
N ASN A 26 8.03 -2.18 0.27
CA ASN A 26 9.32 -2.75 0.61
C ASN A 26 9.14 -3.72 1.76
N PRO A 27 9.33 -5.03 1.54
CA PRO A 27 9.02 -6.00 2.60
C PRO A 27 9.92 -5.89 3.82
N GLU A 28 11.21 -5.60 3.61
CA GLU A 28 12.12 -5.43 4.74
C GLU A 28 11.68 -4.29 5.65
N ALA A 29 11.14 -3.22 5.06
CA ALA A 29 10.64 -2.11 5.86
C ALA A 29 9.27 -2.40 6.45
N LEU A 30 8.52 -3.33 5.85
CA LEU A 30 7.26 -3.74 6.45
C LEU A 30 7.47 -4.64 7.65
N LYS A 31 8.57 -5.41 7.67
CA LYS A 31 8.94 -6.17 8.86
C LYS A 31 9.09 -5.24 10.07
N ILE A 32 9.81 -4.13 9.89
CA ILE A 32 10.03 -3.19 11.00
C ILE A 32 8.71 -2.63 11.49
N LEU A 33 7.74 -2.45 10.60
CA LEU A 33 6.41 -2.01 11.03
C LEU A 33 5.72 -3.12 11.82
N SER A 34 5.68 -4.34 11.30
CA SER A 34 4.99 -5.42 11.99
C SER A 34 5.59 -5.72 13.35
N ALA A 35 6.78 -5.19 13.65
CA ALA A 35 7.41 -5.42 14.94
C ALA A 35 7.01 -4.37 15.98
N ILE A 36 6.91 -3.10 15.57
CA ILE A 36 6.54 -2.02 16.47
C ILE A 36 5.08 -2.16 16.85
N THR A 37 4.83 -2.63 18.07
CA THR A 37 3.47 -2.82 18.56
C THR A 37 2.94 -1.61 19.33
N GLN A 38 3.63 -0.48 19.27
CA GLN A 38 3.24 0.69 20.03
C GLN A 38 2.44 1.66 19.16
N PRO A 39 1.41 2.30 19.72
CA PRO A 39 0.57 3.20 18.92
C PRO A 39 1.39 4.33 18.31
N MET A 40 0.94 4.79 17.14
CA MET A 40 1.76 5.63 16.26
C MET A 40 1.09 6.97 15.97
N VAL A 41 1.92 8.00 15.86
CA VAL A 41 1.51 9.32 15.38
C VAL A 41 2.25 9.55 14.07
N VAL A 42 1.54 9.50 12.95
CA VAL A 42 2.14 9.52 11.62
C VAL A 42 2.07 10.94 11.06
N VAL A 43 3.22 11.44 10.60
CA VAL A 43 3.31 12.76 9.99
C VAL A 43 4.15 12.64 8.72
N ALA A 44 3.58 13.07 7.60
CA ALA A 44 4.28 13.06 6.34
C ALA A 44 4.92 14.41 6.05
N ILE A 45 5.82 14.44 5.06
CA ILE A 45 6.46 15.68 4.63
C ILE A 45 6.40 15.73 3.10
N VAL A 46 5.25 16.11 2.57
CA VAL A 46 5.06 16.12 1.12
C VAL A 46 5.51 17.46 0.55
N GLY A 47 6.17 17.41 -0.60
CA GLY A 47 6.69 18.59 -1.24
C GLY A 47 7.47 18.22 -2.48
N LEU A 48 7.89 19.25 -3.21
CA LEU A 48 8.57 19.03 -4.48
C LEU A 48 9.93 18.37 -4.24
N TYR A 49 10.62 18.09 -5.35
CA TYR A 49 11.74 17.16 -5.32
C TYR A 49 13.01 17.72 -4.67
N ARG A 50 13.11 19.04 -4.51
CA ARG A 50 14.33 19.61 -3.93
C ARG A 50 14.01 20.86 -3.12
N THR A 51 12.98 20.80 -2.30
CA THR A 51 12.69 21.85 -1.34
C THR A 51 13.46 21.66 -0.03
N GLY A 52 14.54 20.89 -0.06
CA GLY A 52 15.26 20.54 1.15
C GLY A 52 14.42 19.72 2.11
N LYS A 53 13.86 18.62 1.59
CA LYS A 53 12.91 17.82 2.36
C LYS A 53 13.50 17.18 3.60
N SER A 54 14.82 16.99 3.64
CA SER A 54 15.42 16.21 4.72
C SER A 54 15.46 16.99 6.03
N TYR A 55 15.68 18.31 5.95
CA TYR A 55 15.93 19.08 7.17
C TYR A 55 14.74 19.04 8.12
N LEU A 56 13.54 18.82 7.60
CA LEU A 56 12.37 18.67 8.46
C LEU A 56 12.20 17.26 9.00
N MET A 57 13.13 16.35 8.71
CA MET A 57 13.15 15.02 9.29
C MET A 57 14.26 14.84 10.32
N ASN A 58 15.48 15.30 10.01
CA ASN A 58 16.57 15.17 10.97
C ASN A 58 16.31 15.99 12.23
N LYS A 59 15.79 17.20 12.07
CA LYS A 59 15.40 18.03 13.20
C LYS A 59 14.00 17.69 13.73
N LEU A 60 13.38 16.62 13.22
CA LEU A 60 12.14 16.10 13.78
C LEU A 60 12.34 14.78 14.50
N ALA A 61 13.14 13.87 13.95
CA ALA A 61 13.53 12.68 14.68
C ALA A 61 14.56 12.98 15.76
N GLY A 62 15.31 14.07 15.62
CA GLY A 62 16.28 14.46 16.61
C GLY A 62 17.68 13.97 16.31
N LYS A 63 18.29 14.47 15.23
CA LYS A 63 19.64 14.09 14.84
C LYS A 63 20.47 15.33 14.58
N LYS A 64 21.72 15.30 15.04
CA LYS A 64 22.68 16.37 14.78
C LYS A 64 22.17 17.74 15.22
N SER A 75 20.49 11.34 -5.61
CA SER A 75 20.85 10.03 -6.14
C SER A 75 20.36 8.90 -5.25
N HIS A 76 19.04 8.83 -5.08
CA HIS A 76 18.43 7.82 -4.23
C HIS A 76 17.25 7.14 -4.92
N THR A 77 16.45 6.40 -4.15
CA THR A 77 15.24 5.77 -4.66
C THR A 77 14.05 6.67 -4.32
N LYS A 78 13.19 6.89 -5.31
CA LYS A 78 12.08 7.83 -5.15
C LYS A 78 10.84 7.11 -4.60
N GLY A 79 9.99 7.89 -3.95
CA GLY A 79 8.76 7.36 -3.37
C GLY A 79 8.50 7.89 -1.98
N ILE A 80 7.98 7.04 -1.10
CA ILE A 80 7.71 7.39 0.28
C ILE A 80 8.70 6.66 1.16
N TRP A 81 9.49 7.42 1.92
CA TRP A 81 10.41 6.89 2.91
C TRP A 81 9.88 7.14 4.30
N MET A 82 10.22 6.24 5.23
CA MET A 82 9.76 6.33 6.61
C MET A 82 10.96 6.38 7.55
N TRP A 83 10.73 6.93 8.74
CA TRP A 83 11.73 6.93 9.80
C TRP A 83 11.01 6.82 11.13
N CYS A 84 11.17 5.68 11.80
CA CYS A 84 10.55 5.44 13.10
C CYS A 84 11.55 5.77 14.20
N VAL A 85 11.10 6.57 15.17
CA VAL A 85 11.93 7.02 16.27
C VAL A 85 11.02 7.23 17.47
N PRO A 86 11.46 6.96 18.70
CA PRO A 86 10.56 7.13 19.85
C PRO A 86 10.08 8.57 20.00
N HIS A 87 8.84 8.71 20.44
CA HIS A 87 8.21 10.01 20.59
C HIS A 87 8.90 10.81 21.68
N PRO A 88 9.49 11.96 21.38
CA PRO A 88 10.23 12.71 22.39
C PRO A 88 9.38 13.48 23.39
N LYS A 89 8.06 13.46 23.26
CA LYS A 89 7.17 14.20 24.17
C LYS A 89 5.90 13.40 24.44
N LYS A 90 6.06 12.10 24.67
CA LYS A 90 4.93 11.22 24.90
C LYS A 90 5.42 9.87 25.40
N PRO A 91 4.68 9.19 26.28
CA PRO A 91 5.05 7.83 26.67
C PRO A 91 4.36 6.78 25.81
N GLY A 92 5.10 5.73 25.49
CA GLY A 92 4.53 4.61 24.74
C GLY A 92 4.34 4.89 23.26
N HIS A 93 3.77 6.06 22.95
CA HIS A 93 3.52 6.42 21.56
C HIS A 93 4.84 6.54 20.79
N ILE A 94 4.77 6.33 19.48
CA ILE A 94 5.92 6.39 18.60
C ILE A 94 5.52 7.15 17.34
N LEU A 95 6.23 8.22 17.03
CA LEU A 95 5.91 9.00 15.84
C LEU A 95 6.65 8.44 14.63
N VAL A 96 5.98 8.52 13.47
CA VAL A 96 6.51 8.02 12.21
C VAL A 96 6.73 9.20 11.28
N LEU A 97 7.91 9.25 10.66
CA LEU A 97 8.29 10.34 9.77
C LEU A 97 8.25 9.85 8.33
N LEU A 98 7.13 10.11 7.64
CA LEU A 98 7.04 9.84 6.22
C LEU A 98 7.57 11.03 5.43
N ASP A 99 8.00 10.76 4.21
CA ASP A 99 8.66 11.79 3.39
C ASP A 99 8.64 11.36 1.94
N THR A 100 8.10 12.20 1.07
CA THR A 100 7.99 11.90 -0.35
C THR A 100 9.25 12.40 -1.06
N GLU A 101 10.21 11.51 -1.21
CA GLU A 101 11.47 11.84 -1.86
C GLU A 101 11.37 11.66 -3.37
N GLY A 102 11.91 12.64 -4.10
CA GLY A 102 11.83 12.60 -5.55
C GLY A 102 10.48 12.96 -6.13
N LEU A 103 9.64 13.65 -5.37
CA LEU A 103 8.30 13.99 -5.84
C LEU A 103 8.39 15.08 -6.89
N GLY A 104 7.99 14.76 -8.12
CA GLY A 104 7.96 15.72 -9.19
C GLY A 104 9.21 15.81 -10.04
N ASP A 105 10.25 15.04 -9.72
CA ASP A 105 11.45 15.03 -10.55
C ASP A 105 11.12 14.46 -11.92
N VAL A 106 10.59 15.30 -12.80
CA VAL A 106 10.21 14.91 -14.15
C VAL A 106 11.37 14.24 -14.87
N GLU A 107 12.59 14.67 -14.60
CA GLU A 107 13.75 14.15 -15.30
C GLU A 107 14.09 12.73 -14.85
N LYS A 108 13.91 12.43 -13.56
CA LYS A 108 14.46 11.19 -13.02
C LYS A 108 13.59 9.98 -13.36
N GLY A 109 12.29 10.04 -13.05
CA GLY A 109 11.47 8.86 -13.18
C GLY A 109 10.04 9.14 -13.56
N ASP A 110 9.25 8.07 -13.60
CA ASP A 110 7.84 8.15 -13.99
C ASP A 110 7.05 9.01 -13.01
N ASN A 111 6.04 9.71 -13.54
CA ASN A 111 5.20 10.59 -12.75
C ASN A 111 3.71 10.23 -12.86
N GLN A 112 3.40 8.97 -13.18
CA GLN A 112 2.01 8.52 -13.12
C GLN A 112 1.51 8.45 -11.68
N ASN A 113 2.41 8.42 -10.70
CA ASN A 113 2.06 8.05 -9.34
C ASN A 113 2.33 9.15 -8.32
N ASP A 114 2.70 10.35 -8.77
CA ASP A 114 2.82 11.47 -7.83
C ASP A 114 1.49 11.75 -7.14
N SER A 115 0.39 11.71 -7.90
CA SER A 115 -0.94 11.77 -7.31
C SER A 115 -1.17 10.60 -6.35
N TRP A 116 -0.69 9.41 -6.73
CA TRP A 116 -0.85 8.25 -5.87
C TRP A 116 -0.02 8.39 -4.59
N ILE A 117 1.21 8.88 -4.70
CA ILE A 117 2.04 9.10 -3.52
C ILE A 117 1.37 10.13 -2.60
N PHE A 118 0.78 11.18 -3.20
CA PHE A 118 0.06 12.18 -2.43
C PHE A 118 -1.11 11.55 -1.68
N ALA A 119 -1.93 10.76 -2.39
CA ALA A 119 -3.09 10.13 -1.78
C ALA A 119 -2.69 9.19 -0.65
N LEU A 120 -1.60 8.44 -0.85
CA LEU A 120 -1.15 7.51 0.19
C LEU A 120 -0.59 8.26 1.39
N ALA A 121 0.16 9.34 1.15
CA ALA A 121 0.64 10.16 2.26
C ALA A 121 -0.52 10.77 3.05
N VAL A 122 -1.63 11.05 2.37
CA VAL A 122 -2.84 11.47 3.09
C VAL A 122 -3.37 10.33 3.93
N LEU A 123 -3.61 9.18 3.30
CA LEU A 123 -4.32 8.09 3.96
C LEU A 123 -3.54 7.51 5.13
N LEU A 124 -2.21 7.53 5.07
CA LEU A 124 -1.43 6.87 6.13
C LEU A 124 -1.18 7.81 7.30
N SER A 125 -0.96 9.09 7.02
CA SER A 125 -0.49 10.01 8.04
C SER A 125 -1.65 10.54 8.90
N SER A 126 -1.28 11.19 9.99
CA SER A 126 -2.23 11.84 10.88
C SER A 126 -2.10 13.36 10.92
N THR A 127 -1.08 13.91 10.25
CA THR A 127 -0.93 15.36 10.13
C THR A 127 -0.19 15.64 8.83
N PHE A 128 -0.95 15.86 7.76
CA PHE A 128 -0.39 16.10 6.44
C PHE A 128 0.37 17.42 6.42
N VAL A 129 1.59 17.40 5.89
CA VAL A 129 2.47 18.56 5.88
C VAL A 129 2.95 18.78 4.45
N TYR A 130 2.48 19.87 3.83
CA TYR A 130 3.02 20.30 2.55
C TYR A 130 4.27 21.15 2.78
N ASN A 131 5.11 21.20 1.77
CA ASN A 131 6.37 21.96 1.87
C ASN A 131 6.68 22.56 0.50
N SER A 132 6.26 23.81 0.32
CA SER A 132 6.56 24.58 -0.87
C SER A 132 7.60 25.65 -0.57
N ILE A 133 8.24 26.13 -1.63
CA ILE A 133 9.35 27.08 -1.50
C ILE A 133 8.85 28.48 -1.84
N GLY A 134 7.81 28.56 -2.66
CA GLY A 134 7.32 29.83 -3.15
C GLY A 134 6.55 30.64 -2.13
N THR A 135 5.64 31.48 -2.60
CA THR A 135 4.86 32.38 -1.75
C THR A 135 3.36 32.13 -1.90
N ILE A 136 2.98 30.89 -2.18
CA ILE A 136 1.60 30.49 -2.43
C ILE A 136 0.97 31.41 -3.47
N ASN A 137 1.70 31.71 -4.53
CA ASN A 137 1.13 32.39 -5.68
C ASN A 137 0.32 31.38 -6.48
N GLN A 138 -0.14 31.77 -7.67
CA GLN A 138 -0.86 30.82 -8.50
C GLN A 138 0.04 29.70 -9.01
N GLN A 139 1.35 29.92 -9.06
CA GLN A 139 2.27 28.87 -9.46
C GLN A 139 2.34 27.76 -8.42
N ALA A 140 2.46 28.15 -7.13
CA ALA A 140 2.49 27.16 -6.06
C ALA A 140 1.17 26.41 -5.93
N MET A 141 0.08 26.96 -6.48
CA MET A 141 -1.19 26.26 -6.53
C MET A 141 -1.28 25.34 -7.75
N ASP A 142 -0.70 25.76 -8.89
CA ASP A 142 -0.65 24.90 -10.05
C ASP A 142 0.33 23.75 -9.86
N GLN A 143 1.28 23.88 -8.93
CA GLN A 143 2.15 22.78 -8.54
C GLN A 143 1.48 21.84 -7.54
N LEU A 144 0.20 22.07 -7.21
CA LEU A 144 -0.54 21.28 -6.25
C LEU A 144 -1.77 20.65 -6.90
N TYR A 145 -1.59 20.13 -8.13
CA TYR A 145 -2.69 19.47 -8.81
C TYR A 145 -3.09 18.16 -8.16
N TYR A 146 -2.31 17.67 -7.20
CA TYR A 146 -2.63 16.40 -6.56
C TYR A 146 -3.94 16.46 -5.79
N VAL A 147 -4.25 17.62 -5.19
CA VAL A 147 -5.40 17.72 -4.32
C VAL A 147 -6.72 17.80 -5.10
N THR A 148 -6.68 18.24 -6.36
CA THR A 148 -7.90 18.28 -7.17
C THR A 148 -8.38 16.91 -7.56
N GLU A 149 -7.57 15.87 -7.37
CA GLU A 149 -7.92 14.50 -7.74
C GLU A 149 -8.30 13.64 -6.55
N LEU A 150 -8.27 14.17 -5.32
CA LEU A 150 -8.55 13.36 -4.16
C LEU A 150 -9.96 12.78 -4.20
N THR A 151 -10.92 13.55 -4.72
CA THR A 151 -12.27 13.03 -4.90
C THR A 151 -12.36 12.02 -6.02
N HIS A 152 -11.38 12.01 -6.94
CA HIS A 152 -11.30 11.02 -8.01
C HIS A 152 -10.31 9.90 -7.70
N ARG A 153 -9.62 9.96 -6.55
CA ARG A 153 -8.55 9.03 -6.25
C ARG A 153 -8.77 8.22 -4.98
N ILE A 154 -9.63 8.68 -4.06
CA ILE A 154 -9.80 8.02 -2.77
C ILE A 154 -11.29 7.93 -2.48
N ARG A 155 -11.82 6.71 -2.44
CA ARG A 155 -13.16 6.50 -1.92
C ARG A 155 -13.11 6.46 -0.39
N SER A 156 -14.28 6.49 0.23
CA SER A 156 -14.35 6.51 1.68
C SER A 156 -15.43 5.61 2.27
N LYS A 157 -16.18 4.87 1.44
CA LYS A 157 -17.27 4.06 1.96
C LYS A 157 -17.70 3.00 0.96
N SER A 158 -16.75 2.18 0.51
CA SER A 158 -17.02 1.07 -0.41
C SER A 158 -17.73 1.54 -1.68
N ASP A 169 -18.12 8.68 -1.31
CA ASP A 169 -18.36 10.06 -1.70
C ASP A 169 -17.46 11.02 -0.93
N SER A 170 -17.08 12.11 -1.60
CA SER A 170 -16.25 13.13 -0.96
C SER A 170 -17.05 13.90 0.09
N ALA A 171 -17.33 13.26 1.22
CA ALA A 171 -18.12 13.89 2.28
C ALA A 171 -17.46 13.65 3.63
N ASP A 172 -17.34 12.38 4.01
CA ASP A 172 -16.71 11.98 5.28
C ASP A 172 -15.19 12.05 5.23
N PHE A 173 -14.62 12.99 4.46
CA PHE A 173 -13.17 13.11 4.42
C PHE A 173 -12.62 13.66 5.74
N VAL A 174 -13.29 14.66 6.31
CA VAL A 174 -12.87 15.23 7.59
C VAL A 174 -12.84 14.21 8.72
N SER A 175 -13.44 13.04 8.50
CA SER A 175 -13.45 12.00 9.54
C SER A 175 -12.05 11.48 9.82
N PHE A 176 -11.28 11.21 8.76
CA PHE A 176 -9.94 10.64 8.92
C PHE A 176 -8.84 11.47 8.27
N PHE A 177 -9.17 12.53 7.54
CA PHE A 177 -8.14 13.33 6.90
C PHE A 177 -7.30 14.08 7.94
N PRO A 178 -6.02 14.27 7.68
CA PRO A 178 -5.13 14.86 8.67
C PRO A 178 -5.25 16.39 8.71
N ASP A 179 -4.53 16.98 9.67
CA ASP A 179 -4.51 18.42 9.83
C ASP A 179 -3.43 19.02 8.93
N PHE A 180 -3.84 19.90 8.02
CA PHE A 180 -2.90 20.51 7.09
C PHE A 180 -1.91 21.40 7.83
N VAL A 181 -0.63 21.25 7.51
CA VAL A 181 0.42 22.11 8.03
C VAL A 181 1.29 22.51 6.84
N TRP A 182 0.92 23.62 6.19
CA TRP A 182 1.75 24.16 5.12
C TRP A 182 3.05 24.72 5.69
N THR A 183 4.10 24.70 4.88
CA THR A 183 5.41 25.21 5.28
C THR A 183 6.03 25.93 4.09
N LEU A 184 6.26 27.23 4.23
CA LEU A 184 6.94 28.03 3.22
C LEU A 184 8.39 28.20 3.65
N ARG A 185 9.31 27.58 2.90
CA ARG A 185 10.70 27.45 3.31
C ARG A 185 11.54 28.67 2.97
N ASP A 186 10.98 29.71 2.37
CA ASP A 186 11.75 30.92 2.09
C ASP A 186 10.81 32.13 2.07
N PHE A 187 11.16 33.16 2.83
CA PHE A 187 10.36 34.36 2.93
C PHE A 187 11.19 35.54 3.40
N PRO A 200 2.12 34.70 9.71
CA PRO A 200 2.20 33.26 9.42
C PRO A 200 0.85 32.67 9.03
N ASP A 201 0.11 32.13 10.00
CA ASP A 201 -1.22 31.63 9.73
C ASP A 201 -2.17 32.74 9.30
N GLU A 202 -1.83 34.00 9.59
CA GLU A 202 -2.57 35.13 9.04
C GLU A 202 -2.59 35.08 7.51
N TYR A 203 -1.45 34.71 6.90
CA TYR A 203 -1.40 34.53 5.46
C TYR A 203 -2.43 33.51 5.01
N LEU A 204 -2.46 32.35 5.66
CA LEU A 204 -3.24 31.21 5.16
C LEU A 204 -4.73 31.36 5.40
N THR A 205 -5.12 31.93 6.55
CA THR A 205 -6.54 31.97 6.90
C THR A 205 -7.37 32.67 5.84
N TYR A 206 -6.88 33.79 5.32
CA TYR A 206 -7.55 34.50 4.23
C TYR A 206 -6.95 34.19 2.87
N SER A 207 -5.79 33.52 2.81
CA SER A 207 -5.12 33.26 1.55
C SER A 207 -5.85 32.22 0.72
N LEU A 208 -6.68 31.38 1.34
CA LEU A 208 -7.48 30.40 0.62
C LEU A 208 -8.92 30.85 0.43
N LYS A 209 -9.22 32.12 0.72
CA LYS A 209 -10.55 32.65 0.49
C LYS A 209 -10.85 32.69 -1.00
N LEU A 210 -11.48 31.63 -1.50
CA LEU A 210 -11.90 31.61 -2.90
C LEU A 210 -12.85 32.75 -3.19
N LYS A 211 -12.83 33.22 -4.43
CA LYS A 211 -13.71 34.29 -4.85
C LYS A 211 -14.99 33.71 -5.46
N LYS A 212 -16.07 34.47 -5.36
CA LYS A 212 -17.36 34.00 -5.81
C LYS A 212 -17.51 34.20 -7.32
N GLY A 213 -18.29 33.32 -7.92
CA GLY A 213 -18.53 33.40 -9.35
C GLY A 213 -19.12 32.10 -9.87
N THR A 214 -19.28 32.06 -11.19
CA THR A 214 -19.83 30.88 -11.86
C THR A 214 -19.14 30.55 -13.17
N SER A 215 -18.25 31.39 -13.67
CA SER A 215 -17.60 31.14 -14.95
C SER A 215 -16.54 30.04 -14.79
N GLN A 216 -16.16 29.45 -15.94
CA GLN A 216 -15.19 28.37 -15.92
C GLN A 216 -13.80 28.87 -15.51
N LYS A 217 -13.49 30.14 -15.78
CA LYS A 217 -12.17 30.66 -15.44
C LYS A 217 -11.96 30.71 -13.92
N ASP A 218 -12.96 31.20 -13.19
CA ASP A 218 -12.88 31.18 -11.73
C ASP A 218 -13.26 29.84 -11.13
N GLU A 219 -13.87 28.94 -11.93
CA GLU A 219 -14.28 27.65 -11.41
C GLU A 219 -13.07 26.77 -11.11
N THR A 220 -12.03 26.83 -11.95
CA THR A 220 -10.83 26.05 -11.71
C THR A 220 -10.05 26.60 -10.51
N PHE A 221 -10.16 27.90 -10.24
CA PHE A 221 -9.48 28.51 -9.11
C PHE A 221 -10.04 28.05 -7.77
N ASN A 222 -11.26 27.47 -7.76
CA ASN A 222 -11.86 27.04 -6.51
C ASN A 222 -11.37 25.67 -6.08
N LEU A 223 -11.24 24.74 -7.03
CA LEU A 223 -11.01 23.33 -6.72
C LEU A 223 -9.85 23.08 -5.75
N PRO A 224 -8.67 23.72 -5.90
CA PRO A 224 -7.62 23.50 -4.89
C PRO A 224 -8.00 24.06 -3.53
N ARG A 225 -8.36 25.34 -3.49
CA ARG A 225 -8.65 26.00 -2.22
C ARG A 225 -9.91 25.43 -1.57
N LEU A 226 -10.88 24.98 -2.36
CA LEU A 226 -12.08 24.37 -1.80
C LEU A 226 -11.73 23.10 -1.01
N CYS A 227 -10.77 22.33 -1.50
CA CYS A 227 -10.44 21.05 -0.87
C CYS A 227 -9.60 21.24 0.38
N ILE A 228 -8.57 22.10 0.30
CA ILE A 228 -7.67 22.30 1.43
C ILE A 228 -8.42 22.81 2.65
N ARG A 229 -9.51 23.55 2.43
CA ARG A 229 -10.31 24.08 3.53
C ARG A 229 -11.35 23.08 4.01
N LYS A 230 -12.15 22.51 3.10
CA LYS A 230 -13.29 21.70 3.51
C LYS A 230 -12.86 20.30 3.98
N PHE A 231 -11.82 19.73 3.36
CA PHE A 231 -11.47 18.35 3.65
C PHE A 231 -10.71 18.22 4.97
N PHE A 232 -9.77 19.11 5.23
CA PHE A 232 -8.87 18.87 6.35
C PHE A 232 -9.43 19.52 7.62
N PRO A 233 -9.53 18.80 8.74
CA PRO A 233 -10.16 19.35 9.95
C PRO A 233 -9.48 20.61 10.45
N LYS A 234 -8.20 20.49 10.82
CA LYS A 234 -7.41 21.62 11.30
C LYS A 234 -6.41 22.01 10.23
N LYS A 235 -6.15 23.31 10.11
CA LYS A 235 -5.20 23.83 9.14
C LYS A 235 -4.20 24.73 9.84
N LYS A 236 -3.09 25.00 9.16
CA LYS A 236 -2.04 25.84 9.72
C LYS A 236 -1.19 26.38 8.58
N CYS A 237 -0.05 26.98 8.93
CA CYS A 237 0.92 27.52 7.99
C CYS A 237 2.17 27.90 8.76
N PHE A 238 3.32 27.85 8.09
CA PHE A 238 4.57 28.21 8.74
C PHE A 238 5.47 28.89 7.74
N VAL A 239 6.51 29.54 8.26
CA VAL A 239 7.47 30.30 7.47
C VAL A 239 8.87 29.99 7.99
N PHE A 240 9.85 30.12 7.10
CA PHE A 240 11.25 29.88 7.48
C PHE A 240 12.15 30.80 6.67
N ASP A 241 12.91 31.63 7.37
CA ASP A 241 13.90 32.48 6.71
C ASP A 241 15.04 31.62 6.16
N ARG A 242 15.80 32.22 5.26
CA ARG A 242 16.87 31.48 4.59
C ARG A 242 18.09 31.35 5.50
N PRO A 243 18.84 30.25 5.37
CA PRO A 243 19.99 30.04 6.26
C PRO A 243 21.31 30.54 5.66
N VAL A 244 21.24 31.47 4.71
CA VAL A 244 22.42 31.93 4.00
C VAL A 244 22.50 33.45 4.07
N HIS A 245 23.73 33.96 4.15
CA HIS A 245 24.02 35.38 4.04
C HIS A 245 23.23 36.22 5.04
N ASP A 261 22.41 30.44 11.81
CA ASP A 261 21.47 31.53 11.53
C ASP A 261 20.68 31.89 12.79
N PRO A 262 20.05 33.08 12.80
CA PRO A 262 19.31 33.49 13.99
C PRO A 262 17.84 33.07 13.97
N GLU A 263 17.04 33.78 13.20
CA GLU A 263 15.59 33.54 13.15
C GLU A 263 15.24 32.42 12.17
N PHE A 264 15.94 31.29 12.31
CA PHE A 264 15.67 30.10 11.51
C PHE A 264 15.70 28.86 12.41
N VAL A 265 16.80 28.70 13.16
CA VAL A 265 16.91 27.58 14.09
C VAL A 265 15.83 27.66 15.15
N GLN A 266 15.62 28.85 15.73
CA GLN A 266 14.50 29.05 16.64
C GLN A 266 13.17 29.11 15.88
N GLN A 267 13.18 29.69 14.67
CA GLN A 267 11.99 29.71 13.84
C GLN A 267 11.48 28.30 13.55
N VAL A 268 12.40 27.39 13.19
CA VAL A 268 12.01 26.00 12.98
C VAL A 268 11.82 25.27 14.29
N ALA A 269 12.42 25.75 15.38
CA ALA A 269 12.21 25.13 16.68
C ALA A 269 10.77 25.33 17.14
N ASP A 270 10.18 26.49 16.85
CA ASP A 270 8.78 26.70 17.16
C ASP A 270 7.88 25.71 16.42
N PHE A 271 8.15 25.51 15.13
CA PHE A 271 7.35 24.58 14.33
C PHE A 271 7.55 23.13 14.80
N CYS A 272 8.79 22.76 15.13
CA CYS A 272 9.04 21.42 15.65
C CYS A 272 8.36 21.21 16.98
N SER A 273 8.35 22.23 17.84
CA SER A 273 7.66 22.13 19.12
C SER A 273 6.16 21.99 18.91
N TYR A 274 5.61 22.72 17.94
CA TYR A 274 4.18 22.58 17.63
C TYR A 274 3.85 21.15 17.21
N ILE A 275 4.63 20.61 16.26
CA ILE A 275 4.39 19.26 15.78
C ILE A 275 4.56 18.25 16.91
N PHE A 276 5.57 18.44 17.75
CA PHE A 276 5.77 17.55 18.90
C PHE A 276 4.61 17.62 19.87
N SER A 277 4.02 18.81 20.04
CA SER A 277 3.07 19.00 21.13
C SER A 277 1.66 18.58 20.73
N ASN A 278 1.13 19.15 19.65
CA ASN A 278 -0.29 18.99 19.32
C ASN A 278 -0.55 17.87 18.31
N SER A 279 0.43 17.04 18.01
CA SER A 279 0.19 15.92 17.10
C SER A 279 -0.71 14.89 17.78
N LYS A 280 -1.57 14.27 16.98
CA LYS A 280 -2.54 13.31 17.49
C LYS A 280 -2.29 11.94 16.89
N THR A 281 -2.68 10.91 17.64
CA THR A 281 -2.46 9.54 17.20
C THR A 281 -3.33 9.21 16.00
N LYS A 282 -2.77 8.43 15.07
CA LYS A 282 -3.49 8.00 13.88
C LYS A 282 -4.69 7.13 14.26
N THR A 283 -5.90 7.65 14.04
CA THR A 283 -7.12 6.92 14.33
C THR A 283 -7.77 6.45 13.04
N LEU A 284 -8.51 5.35 13.12
CA LEU A 284 -9.22 4.83 11.96
C LEU A 284 -10.69 5.26 11.99
N SER A 285 -11.52 4.48 12.69
CA SER A 285 -12.97 4.73 12.78
C SER A 285 -13.38 4.67 14.24
N GLY A 286 -13.22 5.79 14.95
CA GLY A 286 -13.57 5.86 16.35
C GLY A 286 -12.54 5.20 17.24
N GLY A 287 -11.42 5.88 17.47
CA GLY A 287 -10.35 5.33 18.26
C GLY A 287 -9.43 4.41 17.47
N ILE A 288 -9.10 3.26 18.06
CA ILE A 288 -8.19 2.28 17.46
C ILE A 288 -6.90 2.98 17.06
N GLN A 289 -6.03 3.23 18.04
CA GLN A 289 -4.77 3.91 17.78
C GLN A 289 -3.88 3.02 16.91
N VAL A 290 -3.56 3.49 15.70
CA VAL A 290 -2.79 2.68 14.77
C VAL A 290 -1.42 2.36 15.37
N ASN A 291 -0.93 1.15 15.10
CA ASN A 291 0.27 0.67 15.76
C ASN A 291 0.98 -0.42 14.99
N GLY A 292 1.87 -0.04 14.06
CA GLY A 292 2.70 -0.99 13.37
C GLY A 292 1.93 -1.94 12.48
N PRO A 293 1.71 -3.19 12.96
CA PRO A 293 0.97 -4.18 12.18
C PRO A 293 -0.25 -3.61 11.45
N ARG A 294 -1.02 -2.74 12.11
CA ARG A 294 -2.16 -2.11 11.43
C ARG A 294 -1.69 -1.19 10.31
N LEU A 295 -0.58 -0.46 10.52
CA LEU A 295 -0.07 0.39 9.46
C LEU A 295 0.41 -0.44 8.27
N GLU A 296 1.04 -1.58 8.55
CA GLU A 296 1.44 -2.49 7.49
C GLU A 296 0.24 -3.04 6.74
N SER A 297 -0.81 -3.44 7.47
CA SER A 297 -2.01 -3.92 6.81
C SER A 297 -2.59 -2.85 5.90
N LEU A 298 -2.62 -1.59 6.37
CA LEU A 298 -3.13 -0.48 5.57
C LEU A 298 -2.27 -0.22 4.34
N VAL A 299 -0.94 -0.23 4.50
CA VAL A 299 -0.06 -0.02 3.36
C VAL A 299 -0.28 -1.11 2.31
N LEU A 300 -0.31 -2.36 2.76
CA LEU A 300 -0.51 -3.47 1.83
C LEU A 300 -1.87 -3.38 1.16
N THR A 301 -2.91 -3.03 1.91
CA THR A 301 -4.24 -2.92 1.32
C THR A 301 -4.26 -1.84 0.24
N TYR A 302 -3.73 -0.66 0.56
CA TYR A 302 -3.78 0.45 -0.39
C TYR A 302 -2.95 0.17 -1.63
N VAL A 303 -1.76 -0.42 -1.46
CA VAL A 303 -0.89 -0.67 -2.61
C VAL A 303 -1.45 -1.80 -3.47
N ASN A 304 -1.92 -2.88 -2.85
CA ASN A 304 -2.56 -3.95 -3.60
C ASN A 304 -3.91 -3.56 -4.17
N ALA A 305 -4.46 -2.41 -3.76
CA ALA A 305 -5.61 -1.84 -4.45
C ALA A 305 -5.20 -0.98 -5.64
N ILE A 306 -4.12 -0.22 -5.50
CA ILE A 306 -3.62 0.59 -6.61
C ILE A 306 -3.12 -0.32 -7.75
N SER A 307 -2.24 -1.26 -7.42
CA SER A 307 -1.63 -2.11 -8.45
C SER A 307 -2.56 -3.23 -8.85
N SER A 308 -3.85 -3.06 -8.57
CA SER A 308 -4.86 -4.00 -9.00
C SER A 308 -5.96 -3.37 -9.83
N GLY A 309 -6.22 -2.08 -9.65
CA GLY A 309 -7.25 -1.42 -10.43
C GLY A 309 -8.18 -0.55 -9.61
N ASP A 310 -8.74 -1.12 -8.55
CA ASP A 310 -9.73 -0.43 -7.73
C ASP A 310 -9.08 0.74 -6.98
N LEU A 311 -9.95 1.55 -6.33
CA LEU A 311 -9.50 2.73 -5.61
C LEU A 311 -9.16 2.39 -4.17
N PRO A 312 -8.21 3.12 -3.58
CA PRO A 312 -7.91 2.94 -2.15
C PRO A 312 -9.11 3.27 -1.28
N CYS A 313 -9.82 2.24 -0.82
CA CYS A 313 -10.99 2.41 0.02
C CYS A 313 -10.60 2.51 1.49
N MET A 314 -11.33 3.34 2.23
CA MET A 314 -11.14 3.44 3.68
C MET A 314 -11.93 2.37 4.43
N GLU A 315 -13.11 2.01 3.92
CA GLU A 315 -13.92 1.00 4.61
C GLU A 315 -13.34 -0.39 4.43
N ASN A 316 -12.93 -0.74 3.22
CA ASN A 316 -12.41 -2.09 2.98
C ASN A 316 -11.07 -2.29 3.67
N ALA A 317 -10.22 -1.25 3.68
CA ALA A 317 -8.95 -1.33 4.37
C ALA A 317 -9.12 -1.48 5.88
N VAL A 318 -10.30 -1.18 6.41
CA VAL A 318 -10.60 -1.40 7.82
C VAL A 318 -11.27 -2.76 8.03
N LEU A 319 -12.12 -3.18 7.10
CA LEU A 319 -12.78 -4.47 7.23
C LEU A 319 -11.78 -5.62 7.11
N ALA A 320 -10.83 -5.52 6.17
CA ALA A 320 -9.79 -6.53 6.07
C ALA A 320 -8.88 -6.52 7.30
N LEU A 321 -8.58 -5.34 7.83
CA LEU A 321 -7.77 -5.25 9.04
C LEU A 321 -8.49 -5.90 10.22
N ALA A 322 -9.81 -5.74 10.29
CA ALA A 322 -10.57 -6.37 11.36
C ALA A 322 -10.62 -7.89 11.17
N GLN A 323 -10.81 -8.34 9.94
CA GLN A 323 -10.87 -9.77 9.65
C GLN A 323 -9.51 -10.44 9.69
N ILE A 324 -8.41 -9.69 9.80
CA ILE A 324 -7.11 -10.30 10.02
C ILE A 324 -6.72 -10.20 11.49
N GLU A 325 -7.11 -9.11 12.17
CA GLU A 325 -6.87 -9.02 13.61
C GLU A 325 -7.86 -9.85 14.42
N ASN A 326 -8.93 -10.33 13.79
CA ASN A 326 -9.79 -11.33 14.39
C ASN A 326 -9.45 -12.73 13.92
N SER A 327 -8.85 -12.87 12.74
CA SER A 327 -8.30 -14.15 12.30
C SER A 327 -7.13 -14.58 13.17
N ALA A 328 -6.60 -13.70 14.02
CA ALA A 328 -5.65 -14.09 15.04
C ALA A 328 -6.33 -14.45 16.36
N ALA A 329 -7.52 -13.90 16.61
CA ALA A 329 -8.26 -14.24 17.82
C ALA A 329 -8.63 -15.73 17.84
N VAL A 330 -8.95 -16.29 16.68
CA VAL A 330 -9.27 -17.71 16.61
C VAL A 330 -8.05 -18.56 16.93
N GLN A 331 -6.95 -18.34 16.20
CA GLN A 331 -5.73 -19.10 16.45
C GLN A 331 -5.08 -18.75 17.78
N LYS A 332 -5.60 -17.76 18.51
CA LYS A 332 -5.21 -17.54 19.89
C LYS A 332 -6.09 -18.34 20.85
N ALA A 333 -7.39 -18.38 20.59
CA ALA A 333 -8.31 -19.17 21.41
C ALA A 333 -8.19 -20.66 21.14
N ILE A 334 -7.59 -21.05 20.01
CA ILE A 334 -7.36 -22.47 19.74
C ILE A 334 -6.15 -22.97 20.52
N ALA A 335 -5.08 -22.18 20.56
CA ALA A 335 -3.91 -22.57 21.35
C ALA A 335 -4.26 -22.65 22.84
N HIS A 336 -5.15 -21.77 23.30
CA HIS A 336 -5.64 -21.83 24.68
C HIS A 336 -6.57 -23.01 24.92
N TYR A 337 -6.89 -23.78 23.88
CA TYR A 337 -7.70 -24.98 24.00
C TYR A 337 -6.89 -26.25 23.96
N GLU A 338 -5.88 -26.34 23.07
CA GLU A 338 -4.96 -27.46 23.08
C GLU A 338 -4.02 -27.41 24.28
N GLN A 339 -3.84 -26.24 24.89
CA GLN A 339 -2.98 -26.11 26.06
C GLN A 339 -3.70 -26.54 27.33
N GLN A 340 -4.87 -25.94 27.59
CA GLN A 340 -5.66 -26.32 28.75
C GLN A 340 -6.11 -27.78 28.68
N MET A 341 -6.70 -28.19 27.56
CA MET A 341 -7.16 -29.56 27.43
C MET A 341 -6.02 -30.43 26.89
N GLY A 342 -4.79 -30.02 27.20
CA GLY A 342 -3.62 -30.77 26.80
C GLY A 342 -3.00 -31.50 27.98
N GLN A 343 -3.31 -31.00 29.18
CA GLN A 343 -2.90 -31.65 30.41
C GLN A 343 -4.04 -31.83 31.40
N LYS A 344 -5.25 -31.38 31.07
CA LYS A 344 -6.42 -31.64 31.88
C LYS A 344 -7.12 -32.94 31.53
N VAL A 345 -6.76 -33.56 30.42
CA VAL A 345 -7.38 -34.80 29.95
C VAL A 345 -6.29 -35.84 29.73
N GLN A 346 -6.46 -37.02 30.33
CA GLN A 346 -5.55 -38.14 30.17
C GLN A 346 -6.41 -39.37 29.86
N LEU A 347 -6.55 -39.66 28.57
CA LEU A 347 -7.38 -40.79 28.14
C LEU A 347 -6.76 -42.10 28.62
N PRO A 348 -7.57 -43.08 29.01
CA PRO A 348 -9.05 -43.02 29.05
C PRO A 348 -9.58 -42.35 30.31
N THR A 349 -10.84 -41.95 30.29
CA THR A 349 -11.48 -41.27 31.41
C THR A 349 -12.40 -42.23 32.16
N GLU A 350 -12.70 -41.86 33.41
CA GLU A 350 -13.60 -42.66 34.23
C GLU A 350 -15.00 -42.68 33.63
N THR A 351 -15.64 -41.52 33.55
CA THR A 351 -16.98 -41.37 33.01
C THR A 351 -16.94 -40.44 31.79
N LEU A 352 -18.12 -40.13 31.26
CA LEU A 352 -18.25 -39.21 30.13
C LEU A 352 -18.60 -37.79 30.57
N GLN A 353 -19.44 -37.67 31.61
CA GLN A 353 -19.77 -36.35 32.14
C GLN A 353 -18.51 -35.59 32.56
N GLU A 354 -17.47 -36.31 32.96
CA GLU A 354 -16.20 -35.66 33.31
C GLU A 354 -15.58 -34.97 32.09
N LEU A 355 -15.49 -35.70 30.97
CA LEU A 355 -14.92 -35.11 29.76
C LEU A 355 -15.78 -33.99 29.22
N LEU A 356 -17.11 -34.17 29.25
CA LEU A 356 -17.99 -33.11 28.78
C LEU A 356 -17.94 -31.90 29.71
N ASP A 357 -17.72 -32.11 31.00
CA ASP A 357 -17.59 -31.03 31.96
C ASP A 357 -16.27 -30.29 31.76
N LEU A 358 -15.23 -30.98 31.34
CA LEU A 358 -13.99 -30.29 31.00
C LEU A 358 -14.14 -29.50 29.70
N HIS A 359 -14.83 -30.06 28.72
CA HIS A 359 -15.06 -29.34 27.48
C HIS A 359 -15.88 -28.08 27.75
N ARG A 360 -17.14 -28.23 28.19
CA ARG A 360 -18.03 -27.09 28.42
C ARG A 360 -17.34 -25.99 29.21
N ASP A 361 -16.33 -26.33 30.02
CA ASP A 361 -15.53 -25.32 30.71
C ASP A 361 -14.54 -24.66 29.75
N SER A 362 -13.68 -25.47 29.12
CA SER A 362 -12.60 -24.90 28.32
C SER A 362 -13.11 -24.17 27.08
N GLU A 363 -14.25 -24.59 26.54
CA GLU A 363 -14.84 -23.92 25.38
C GLU A 363 -15.20 -22.48 25.70
N ARG A 364 -16.04 -22.28 26.71
CA ARG A 364 -16.42 -20.92 27.12
C ARG A 364 -15.31 -20.20 27.86
N GLU A 365 -14.20 -20.89 28.18
CA GLU A 365 -13.02 -20.20 28.67
C GLU A 365 -12.20 -19.64 27.51
N ALA A 366 -12.13 -20.37 26.40
CA ALA A 366 -11.41 -19.90 25.22
C ALA A 366 -12.21 -18.84 24.47
N ILE A 367 -13.55 -18.91 24.54
CA ILE A 367 -14.36 -17.85 23.94
C ILE A 367 -14.04 -16.50 24.57
N GLU A 368 -13.69 -16.51 25.86
CA GLU A 368 -13.22 -15.28 26.51
C GLU A 368 -11.96 -14.75 25.83
N VAL A 369 -11.02 -15.64 25.48
CA VAL A 369 -9.79 -15.22 24.81
C VAL A 369 -10.10 -14.60 23.46
N PHE A 370 -11.14 -15.09 22.79
CA PHE A 370 -11.58 -14.47 21.53
C PHE A 370 -12.06 -13.05 21.76
N ILE A 371 -12.89 -12.85 22.79
CA ILE A 371 -13.47 -11.54 23.05
C ILE A 371 -12.37 -10.54 23.43
N ARG A 372 -11.36 -10.99 24.17
CA ARG A 372 -10.38 -10.07 24.72
C ARG A 372 -9.43 -9.52 23.65
N SER A 373 -9.33 -10.18 22.49
CA SER A 373 -8.43 -9.72 21.43
C SER A 373 -9.15 -9.82 20.07
N SER A 374 -10.30 -9.17 19.97
CA SER A 374 -11.03 -9.10 18.71
C SER A 374 -12.02 -7.96 18.78
N PHE A 375 -12.41 -7.47 17.60
CA PHE A 375 -13.42 -6.43 17.50
C PHE A 375 -14.01 -6.44 16.10
N LYS A 376 -15.28 -6.03 16.01
CA LYS A 376 -16.03 -5.97 14.76
C LYS A 376 -16.07 -7.33 14.07
N ASP A 377 -16.80 -8.24 14.71
CA ASP A 377 -17.22 -9.48 14.07
C ASP A 377 -18.69 -9.33 13.67
N VAL A 378 -18.91 -8.41 12.73
CA VAL A 378 -20.27 -8.09 12.30
C VAL A 378 -20.87 -9.33 11.65
N ASP A 379 -22.19 -9.49 11.81
CA ASP A 379 -22.94 -10.69 11.46
C ASP A 379 -22.48 -11.92 12.22
N HIS A 380 -21.54 -11.75 13.16
CA HIS A 380 -21.01 -12.84 13.98
C HIS A 380 -20.53 -14.01 13.13
N LEU A 381 -19.65 -13.69 12.17
CA LEU A 381 -19.12 -14.70 11.27
C LEU A 381 -17.89 -15.42 11.84
N PHE A 382 -17.10 -14.76 12.68
CA PHE A 382 -15.94 -15.40 13.27
C PHE A 382 -16.25 -16.06 14.59
N GLN A 383 -17.23 -15.57 15.31
CA GLN A 383 -17.60 -16.19 16.57
C GLN A 383 -18.54 -17.43 16.38
N LYS A 384 -18.60 -17.98 15.16
CA LYS A 384 -19.18 -19.30 14.87
C LYS A 384 -18.24 -20.23 14.14
N GLU A 385 -17.36 -19.73 13.29
CA GLU A 385 -16.28 -20.55 12.74
C GLU A 385 -15.26 -20.91 13.81
N LEU A 386 -15.32 -20.23 14.96
CA LEU A 386 -14.57 -20.67 16.13
C LEU A 386 -15.32 -21.77 16.88
N ALA A 387 -16.65 -21.63 16.98
CA ALA A 387 -17.43 -22.62 17.71
C ALA A 387 -17.53 -23.92 16.92
N ALA A 388 -17.77 -23.83 15.62
CA ALA A 388 -17.81 -25.02 14.78
C ALA A 388 -16.45 -25.70 14.69
N GLN A 389 -15.37 -24.98 15.00
CA GLN A 389 -14.05 -25.58 15.07
C GLN A 389 -13.77 -26.22 16.42
N LEU A 390 -14.59 -25.94 17.44
CA LEU A 390 -14.51 -26.55 18.75
C LEU A 390 -15.42 -27.76 18.91
N GLU A 391 -16.61 -27.71 18.29
CA GLU A 391 -17.51 -28.85 18.37
C GLU A 391 -16.95 -30.05 17.60
N LYS A 392 -16.23 -29.80 16.52
CA LYS A 392 -15.52 -30.89 15.85
C LYS A 392 -14.43 -31.47 16.74
N LYS A 393 -13.71 -30.61 17.47
CA LYS A 393 -12.74 -31.09 18.43
C LYS A 393 -13.39 -31.98 19.48
N ARG A 394 -14.60 -31.61 19.92
CA ARG A 394 -15.32 -32.43 20.89
C ARG A 394 -15.70 -33.80 20.30
N ASP A 395 -16.39 -33.78 19.16
CA ASP A 395 -16.85 -34.99 18.50
C ASP A 395 -15.69 -35.90 18.12
N ASP A 396 -14.49 -35.33 17.96
CA ASP A 396 -13.31 -36.15 17.70
C ASP A 396 -12.74 -36.69 18.99
N PHE A 397 -12.74 -35.88 20.07
CA PHE A 397 -12.24 -36.34 21.35
C PHE A 397 -13.05 -37.54 21.86
N CYS A 398 -14.36 -37.54 21.60
CA CYS A 398 -15.19 -38.63 22.12
C CYS A 398 -14.85 -39.96 21.44
N LYS A 399 -14.74 -39.94 20.11
CA LYS A 399 -14.34 -41.14 19.38
C LYS A 399 -12.93 -41.57 19.76
N GLN A 400 -12.03 -40.59 19.91
CA GLN A 400 -10.66 -40.90 20.33
C GLN A 400 -10.65 -41.58 21.69
N ASN A 401 -11.51 -41.12 22.61
CA ASN A 401 -11.58 -41.73 23.93
C ASN A 401 -12.14 -43.14 23.88
N GLN A 402 -13.15 -43.37 23.04
CA GLN A 402 -13.68 -44.72 22.90
C GLN A 402 -12.62 -45.68 22.36
N GLU A 403 -11.87 -45.24 21.34
CA GLU A 403 -10.83 -46.09 20.78
C GLU A 403 -9.73 -46.35 21.80
N ALA A 404 -9.29 -45.30 22.53
CA ALA A 404 -8.29 -45.43 23.58
C ALA A 404 -8.76 -46.30 24.73
N SER A 405 -10.09 -46.41 24.94
CA SER A 405 -10.61 -47.34 25.93
C SER A 405 -10.49 -48.77 25.44
N SER A 406 -10.91 -49.01 24.19
CA SER A 406 -10.79 -50.34 23.61
C SER A 406 -9.34 -50.82 23.62
N ASP A 407 -8.40 -49.92 23.34
CA ASP A 407 -6.99 -50.29 23.32
C ASP A 407 -6.55 -50.86 24.66
N ARG A 408 -6.74 -50.08 25.73
CA ARG A 408 -6.28 -50.51 27.04
C ARG A 408 -7.04 -51.75 27.52
N CYS A 409 -8.34 -51.84 27.18
CA CYS A 409 -9.11 -53.03 27.56
C CYS A 409 -8.53 -54.28 26.94
N SER A 410 -8.26 -54.26 25.63
CA SER A 410 -7.70 -55.44 24.97
C SER A 410 -6.30 -55.74 25.47
N ALA A 411 -5.50 -54.70 25.73
CA ALA A 411 -4.15 -54.93 26.24
C ALA A 411 -4.16 -55.60 27.60
N LEU A 412 -5.01 -55.12 28.51
CA LEU A 412 -5.12 -55.75 29.81
C LEU A 412 -5.69 -57.16 29.69
N LEU A 413 -6.65 -57.37 28.79
CA LEU A 413 -7.13 -58.71 28.50
C LEU A 413 -5.98 -59.65 28.21
N GLN A 414 -5.16 -59.29 27.21
CA GLN A 414 -4.00 -60.12 26.87
C GLN A 414 -3.09 -60.32 28.08
N VAL A 415 -2.60 -59.22 28.66
CA VAL A 415 -1.60 -59.29 29.72
C VAL A 415 -2.07 -60.20 30.85
N ILE A 416 -3.31 -60.03 31.30
CA ILE A 416 -3.74 -60.73 32.50
C ILE A 416 -4.19 -62.15 32.19
N PHE A 417 -4.90 -62.37 31.09
CA PHE A 417 -5.51 -63.67 30.85
C PHE A 417 -4.64 -64.62 30.03
N SER A 418 -3.62 -64.14 29.33
CA SER A 418 -2.73 -65.04 28.60
C SER A 418 -2.03 -66.06 29.49
N PRO A 419 -1.69 -65.77 30.76
CA PRO A 419 -1.26 -66.86 31.64
C PRO A 419 -2.28 -67.98 31.76
N LEU A 420 -3.57 -67.64 31.91
CA LEU A 420 -4.59 -68.69 31.97
C LEU A 420 -4.70 -69.42 30.64
N GLU A 421 -4.59 -68.68 29.54
CA GLU A 421 -4.59 -69.31 28.22
C GLU A 421 -3.48 -70.33 28.11
N GLU A 422 -2.27 -69.98 28.57
CA GLU A 422 -1.16 -70.92 28.54
C GLU A 422 -1.41 -72.11 29.46
N GLU A 423 -1.95 -71.86 30.66
CA GLU A 423 -2.16 -72.94 31.62
C GLU A 423 -3.14 -73.97 31.09
N VAL A 424 -4.31 -73.52 30.62
CA VAL A 424 -5.28 -74.46 30.06
C VAL A 424 -4.79 -75.00 28.71
N LYS A 425 -3.94 -74.23 28.02
CA LYS A 425 -3.36 -74.65 26.76
C LYS A 425 -2.42 -75.84 26.93
N ALA A 426 -1.71 -75.90 28.06
CA ALA A 426 -0.88 -77.07 28.35
C ALA A 426 -1.75 -78.23 28.83
N GLY A 427 -2.65 -77.98 29.78
CA GLY A 427 -3.43 -79.06 30.34
C GLY A 427 -3.23 -79.30 31.83
N ILE A 428 -2.78 -78.27 32.53
CA ILE A 428 -2.59 -78.36 33.97
C ILE A 428 -3.89 -78.39 34.73
N TYR A 429 -5.02 -78.31 34.04
CA TYR A 429 -6.30 -78.30 34.71
C TYR A 429 -7.18 -79.49 34.39
N SER A 430 -6.86 -80.29 33.38
CA SER A 430 -7.57 -81.53 33.07
C SER A 430 -7.44 -82.59 34.17
N LYS A 431 -6.61 -82.34 35.18
CA LYS A 431 -6.49 -83.26 36.30
C LYS A 431 -7.81 -83.32 37.07
N PRO A 432 -8.15 -84.49 37.63
CA PRO A 432 -9.43 -84.62 38.35
C PRO A 432 -9.48 -83.79 39.62
N GLY A 433 -9.71 -82.49 39.48
CA GLY A 433 -9.79 -81.61 40.63
C GLY A 433 -9.46 -80.18 40.26
N GLY A 434 -9.18 -79.95 38.97
CA GLY A 434 -8.77 -78.65 38.49
C GLY A 434 -9.90 -77.68 38.21
N TYR A 435 -11.15 -78.13 38.22
CA TYR A 435 -12.25 -77.20 37.94
C TYR A 435 -12.42 -76.18 39.07
N ARG A 436 -12.32 -76.62 40.32
CA ARG A 436 -12.46 -75.70 41.44
C ARG A 436 -11.34 -74.67 41.46
N LEU A 437 -10.09 -75.10 41.19
CA LEU A 437 -8.99 -74.16 41.16
C LEU A 437 -9.06 -73.26 39.93
N PHE A 438 -9.63 -73.76 38.83
CA PHE A 438 -9.90 -72.90 37.68
C PHE A 438 -10.88 -71.80 38.07
N VAL A 439 -11.94 -72.16 38.77
CA VAL A 439 -12.88 -71.16 39.27
C VAL A 439 -12.17 -70.16 40.17
N GLN A 440 -11.34 -70.66 41.09
CA GLN A 440 -10.58 -69.79 41.98
C GLN A 440 -9.75 -68.79 41.20
N LYS A 441 -8.91 -69.27 40.29
CA LYS A 441 -8.00 -68.39 39.57
C LYS A 441 -8.76 -67.42 38.68
N LEU A 442 -9.83 -67.88 38.02
CA LEU A 442 -10.56 -67.00 37.12
C LEU A 442 -11.31 -65.92 37.89
N GLN A 443 -11.97 -66.28 38.98
CA GLN A 443 -12.69 -65.30 39.78
C GLN A 443 -11.74 -64.29 40.40
N ASP A 444 -10.65 -64.76 41.01
CA ASP A 444 -9.72 -63.83 41.62
C ASP A 444 -8.97 -63.00 40.56
N LEU A 445 -8.81 -63.54 39.35
CA LEU A 445 -8.16 -62.79 38.29
C LEU A 445 -9.07 -61.69 37.75
N LYS A 446 -10.35 -61.99 37.60
CA LYS A 446 -11.31 -60.92 37.29
C LYS A 446 -11.33 -59.89 38.41
N LYS A 447 -11.23 -60.34 39.66
CA LYS A 447 -11.09 -59.40 40.77
C LYS A 447 -9.85 -58.52 40.58
N LYS A 448 -8.78 -59.08 40.02
CA LYS A 448 -7.58 -58.33 39.68
C LYS A 448 -7.67 -57.63 38.32
N TYR A 449 -8.81 -57.72 37.65
CA TYR A 449 -9.01 -56.98 36.40
C TYR A 449 -9.51 -55.56 36.66
N TYR A 450 -10.57 -55.42 37.47
CA TYR A 450 -11.24 -54.13 37.59
C TYR A 450 -10.53 -53.17 38.52
N GLU A 451 -9.85 -53.69 39.55
CA GLU A 451 -9.01 -52.84 40.38
C GLU A 451 -7.82 -52.35 39.59
N GLU A 452 -8.09 -51.64 38.50
CA GLU A 452 -7.08 -51.05 37.62
C GLU A 452 -7.69 -49.78 37.07
N PRO A 453 -7.31 -48.62 37.62
CA PRO A 453 -8.07 -47.39 37.35
C PRO A 453 -8.10 -47.00 35.88
N ARG A 454 -9.19 -46.33 35.51
CA ARG A 454 -9.38 -45.79 34.16
C ARG A 454 -9.25 -46.87 33.09
N LYS A 455 -10.29 -47.68 32.94
CA LYS A 455 -10.38 -48.65 31.85
C LYS A 455 -11.22 -48.15 30.69
N GLY A 456 -11.74 -46.94 30.77
CA GLY A 456 -12.59 -46.38 29.74
C GLY A 456 -14.05 -46.75 29.93
N ILE A 457 -14.92 -45.93 29.33
CA ILE A 457 -16.36 -46.17 29.42
C ILE A 457 -16.71 -47.51 28.80
N GLN A 458 -16.06 -47.85 27.68
CA GLN A 458 -16.27 -49.14 27.04
C GLN A 458 -15.47 -50.22 27.76
N ALA A 459 -15.65 -50.31 29.07
CA ALA A 459 -14.86 -51.21 29.90
C ALA A 459 -15.25 -52.67 29.71
N GLU A 460 -16.24 -53.13 30.48
CA GLU A 460 -16.59 -54.54 30.46
C GLU A 460 -17.37 -54.94 29.22
N GLU A 461 -17.82 -53.97 28.41
CA GLU A 461 -18.57 -54.30 27.20
C GLU A 461 -17.76 -55.21 26.29
N ILE A 462 -16.46 -54.93 26.16
CA ILE A 462 -15.61 -55.82 25.39
C ILE A 462 -15.26 -57.07 26.20
N LEU A 463 -15.17 -56.95 27.53
CA LEU A 463 -14.77 -58.07 28.39
C LEU A 463 -15.74 -59.24 28.26
N GLN A 464 -17.03 -58.95 28.12
CA GLN A 464 -18.01 -60.01 27.91
C GLN A 464 -17.80 -60.72 26.59
N THR A 465 -17.29 -60.02 25.57
CA THR A 465 -16.91 -60.70 24.33
C THR A 465 -15.83 -61.75 24.58
N TYR A 466 -15.04 -61.59 25.64
CA TYR A 466 -14.04 -62.60 25.99
C TYR A 466 -14.71 -63.82 26.63
N LEU A 467 -15.51 -63.60 27.68
CA LEU A 467 -16.10 -64.71 28.42
C LEU A 467 -17.09 -65.48 27.57
N LYS A 468 -18.01 -64.77 26.90
CA LYS A 468 -19.04 -65.46 26.12
C LYS A 468 -18.43 -66.28 24.99
N SER A 469 -17.32 -65.83 24.41
CA SER A 469 -16.65 -66.57 23.36
C SER A 469 -15.55 -67.49 23.87
N LYS A 470 -15.38 -67.59 25.19
CA LYS A 470 -14.41 -68.49 25.80
C LYS A 470 -15.06 -69.22 26.98
N GLU A 471 -16.17 -69.89 26.69
CA GLU A 471 -16.85 -70.71 27.69
C GLU A 471 -16.76 -72.20 27.40
N SER A 472 -16.46 -72.59 26.16
CA SER A 472 -16.31 -74.00 25.84
C SER A 472 -15.13 -74.62 26.59
N MET A 473 -14.12 -73.82 26.92
CA MET A 473 -13.03 -74.30 27.76
C MET A 473 -13.55 -74.74 29.12
N THR A 474 -14.32 -73.88 29.80
CA THR A 474 -14.91 -74.25 31.07
C THR A 474 -15.86 -75.43 30.92
N ASP A 475 -16.59 -75.48 29.80
CA ASP A 475 -17.45 -76.61 29.52
C ASP A 475 -16.66 -77.92 29.55
N ALA A 476 -15.63 -78.03 28.69
CA ALA A 476 -14.84 -79.25 28.63
C ALA A 476 -14.13 -79.53 29.94
N ILE A 477 -13.75 -78.49 30.69
CA ILE A 477 -13.10 -78.70 31.97
C ILE A 477 -14.06 -79.35 32.96
N LEU A 478 -15.30 -78.85 33.04
CA LEU A 478 -16.28 -79.46 33.92
C LEU A 478 -16.65 -80.86 33.47
N GLN A 479 -16.66 -81.10 32.15
CA GLN A 479 -16.90 -82.46 31.67
C GLN A 479 -15.75 -83.39 32.04
N THR A 480 -14.53 -82.87 32.12
CA THR A 480 -13.35 -83.65 32.44
C THR A 480 -13.08 -83.73 33.94
N ASP A 481 -13.93 -83.13 34.77
CA ASP A 481 -13.78 -83.19 36.21
C ASP A 481 -13.94 -84.63 36.70
N THR B 6 29.19 34.12 -31.23
CA THR B 6 30.42 34.13 -30.45
C THR B 6 30.15 33.61 -29.03
N TYR B 7 30.77 34.25 -28.04
CA TYR B 7 30.54 33.91 -26.65
C TYR B 7 30.18 35.15 -25.84
N ALA B 8 30.99 36.21 -25.95
CA ALA B 8 30.69 37.45 -25.25
C ALA B 8 29.38 38.07 -25.72
N ASP B 9 28.89 37.68 -26.91
CA ASP B 9 27.60 38.16 -27.37
C ASP B 9 26.44 37.43 -26.68
N TYR B 10 26.66 36.20 -26.21
CA TYR B 10 25.67 35.53 -25.39
C TYR B 10 25.39 36.30 -24.11
N PHE B 11 26.45 36.79 -23.47
CA PHE B 11 26.30 37.51 -22.21
C PHE B 11 25.46 38.77 -22.38
N SER B 12 25.44 39.35 -23.58
CA SER B 12 24.67 40.56 -23.81
C SER B 12 23.18 40.31 -23.62
N ALA B 13 22.62 39.40 -24.42
CA ALA B 13 21.18 39.12 -24.32
C ALA B 13 20.80 38.55 -22.97
N TRP B 14 21.71 37.80 -22.34
CA TRP B 14 21.42 37.23 -21.03
C TRP B 14 21.37 38.31 -19.95
N ASP B 15 22.29 39.28 -20.01
CA ASP B 15 22.21 40.42 -19.10
C ASP B 15 21.09 41.38 -19.46
N LYS B 16 20.54 41.29 -20.67
CA LYS B 16 19.39 42.11 -21.04
C LYS B 16 18.07 41.47 -20.63
N TRP B 17 17.99 40.15 -20.56
CA TRP B 17 16.78 39.52 -20.00
C TRP B 17 16.64 39.84 -18.53
N GLU B 18 17.75 39.81 -17.80
CA GLU B 18 17.82 40.05 -16.35
C GLU B 18 17.00 41.26 -15.92
N LYS B 19 17.00 42.30 -16.76
CA LYS B 19 16.27 43.53 -16.45
C LYS B 19 14.77 43.36 -16.71
N GLN B 20 14.41 42.77 -17.84
CA GLN B 20 13.00 42.62 -18.22
C GLN B 20 12.43 41.37 -17.55
N ALA B 21 12.17 41.49 -16.25
CA ALA B 21 11.61 40.42 -15.45
C ALA B 21 10.57 40.99 -14.51
N LEU B 22 9.91 40.09 -13.81
CA LEU B 22 8.85 40.40 -12.86
C LEU B 22 9.43 40.45 -11.45
N PRO B 23 8.66 40.93 -10.44
CA PRO B 23 9.20 40.98 -9.07
C PRO B 23 9.73 39.66 -8.55
N GLY B 24 8.86 38.66 -8.44
CA GLY B 24 9.28 37.35 -7.95
C GLY B 24 9.71 36.41 -9.06
N GLU B 25 10.74 36.81 -9.81
CA GLU B 25 11.24 36.03 -10.94
C GLU B 25 12.76 35.91 -10.79
N GLU B 26 13.22 34.79 -10.26
CA GLU B 26 14.65 34.55 -10.05
C GLU B 26 15.40 34.54 -11.37
N ARG B 27 15.90 35.70 -11.79
CA ARG B 27 16.63 35.82 -13.04
C ARG B 27 18.14 35.86 -12.86
N ASP B 28 18.62 36.37 -11.72
CA ASP B 28 20.05 36.37 -11.45
C ASP B 28 20.60 34.95 -11.38
N GLU B 29 19.88 34.06 -10.68
CA GLU B 29 20.29 32.66 -10.61
C GLU B 29 20.26 32.01 -11.98
N ALA B 30 19.26 32.35 -12.81
CA ALA B 30 19.17 31.79 -14.15
C ALA B 30 20.36 32.23 -15.00
N VAL B 31 20.72 33.51 -14.95
CA VAL B 31 21.86 34.00 -15.71
C VAL B 31 23.15 33.36 -15.20
N SER B 32 23.26 33.19 -13.87
CA SER B 32 24.43 32.53 -13.32
C SER B 32 24.56 31.09 -13.82
N ARG B 33 23.43 30.36 -13.89
CA ARG B 33 23.46 29.00 -14.40
C ARG B 33 23.80 28.98 -15.88
N LEU B 34 23.29 29.94 -16.65
CA LEU B 34 23.61 30.00 -18.08
C LEU B 34 25.10 30.21 -18.29
N LYS B 35 25.70 31.13 -17.53
CA LYS B 35 27.14 31.36 -17.65
C LYS B 35 27.95 30.19 -17.09
N GLU B 36 27.41 29.48 -16.11
CA GLU B 36 28.07 28.29 -15.58
C GLU B 36 28.10 27.18 -16.62
N CYS B 37 27.03 27.05 -17.41
CA CYS B 37 26.99 26.01 -18.45
C CYS B 37 27.83 26.39 -19.65
N LEU B 38 27.63 27.60 -20.18
CA LEU B 38 28.25 27.99 -21.44
C LEU B 38 29.78 28.01 -21.36
N ILE B 39 30.33 28.32 -20.18
CA ILE B 39 31.77 28.47 -20.07
C ILE B 39 32.45 27.12 -19.87
N ASN B 40 31.92 26.28 -19.00
CA ASN B 40 32.49 24.95 -18.78
C ASN B 40 32.20 24.00 -19.94
N ASN B 41 31.57 24.47 -21.01
CA ASN B 41 31.13 23.62 -22.13
C ASN B 41 30.26 22.48 -21.62
N SER B 42 29.45 22.77 -20.60
CA SER B 42 28.60 21.76 -19.99
C SER B 42 27.51 21.32 -20.94
N ASP B 43 27.29 20.00 -21.02
CA ASP B 43 26.23 19.48 -21.86
C ASP B 43 24.85 19.72 -21.23
N GLU B 44 24.78 19.60 -19.91
CA GLU B 44 23.51 19.74 -19.19
C GLU B 44 23.28 21.19 -18.79
N LEU B 45 22.01 21.61 -18.84
CA LEU B 45 21.61 22.93 -18.40
C LEU B 45 20.21 22.82 -17.82
N ARG B 46 20.06 23.18 -16.55
CA ARG B 46 18.79 23.03 -15.85
C ARG B 46 18.40 24.34 -15.19
N LEU B 47 17.20 24.82 -15.50
CA LEU B 47 16.60 25.99 -14.84
C LEU B 47 15.36 25.49 -14.11
N ASP B 48 15.59 24.78 -13.00
CA ASP B 48 14.56 23.99 -12.33
C ASP B 48 13.35 24.80 -11.90
N ARG B 49 13.50 25.66 -10.89
CA ARG B 49 12.37 26.30 -10.23
C ARG B 49 12.70 27.77 -10.02
N LEU B 50 12.42 28.59 -11.04
CA LEU B 50 12.82 29.99 -11.03
C LEU B 50 11.66 30.95 -11.27
N ASN B 51 10.42 30.46 -11.34
CA ASN B 51 9.24 31.31 -11.55
C ASN B 51 9.38 32.16 -12.81
N LEU B 52 9.99 31.58 -13.85
CA LEU B 52 10.28 32.32 -15.07
C LEU B 52 9.03 32.53 -15.90
N SER B 53 8.82 33.78 -16.34
CA SER B 53 7.74 34.10 -17.26
C SER B 53 8.14 33.90 -18.73
N SER B 54 9.43 33.76 -19.00
CA SER B 54 9.93 33.51 -20.35
C SER B 54 11.37 33.04 -20.24
N LEU B 55 11.98 32.80 -21.39
CA LEU B 55 13.38 32.41 -21.51
C LEU B 55 14.05 33.34 -22.51
N PRO B 56 15.38 33.49 -22.42
CA PRO B 56 16.09 34.31 -23.40
C PRO B 56 16.02 33.71 -24.79
N ASP B 57 16.37 34.53 -25.78
CA ASP B 57 16.32 34.12 -27.18
C ASP B 57 17.52 33.29 -27.62
N ASN B 58 18.54 33.16 -26.78
CA ASN B 58 19.79 32.53 -27.19
C ASN B 58 20.24 31.56 -26.09
N LEU B 59 19.83 30.31 -26.21
CA LEU B 59 20.38 29.25 -25.38
C LEU B 59 21.75 28.86 -25.90
N PRO B 60 22.59 28.24 -25.07
CA PRO B 60 23.87 27.72 -25.56
C PRO B 60 23.66 26.74 -26.71
N ALA B 61 24.54 26.82 -27.71
CA ALA B 61 24.37 26.11 -28.96
C ALA B 61 24.99 24.72 -28.94
N GLN B 62 25.11 24.09 -27.77
CA GLN B 62 25.70 22.76 -27.72
C GLN B 62 25.14 21.87 -26.62
N ILE B 63 24.12 22.32 -25.88
CA ILE B 63 23.61 21.51 -24.76
C ILE B 63 22.88 20.28 -25.30
N THR B 64 22.81 19.26 -24.44
CA THR B 64 22.10 18.03 -24.76
C THR B 64 20.99 17.73 -23.75
N LEU B 65 20.74 18.63 -22.81
CA LEU B 65 19.71 18.42 -21.79
C LEU B 65 19.22 19.78 -21.32
N LEU B 66 17.92 20.02 -21.48
CA LEU B 66 17.30 21.28 -21.08
C LEU B 66 16.12 20.97 -20.17
N ASN B 67 16.22 21.36 -18.90
CA ASN B 67 15.16 21.15 -17.93
C ASN B 67 14.67 22.51 -17.45
N VAL B 68 13.61 23.01 -18.09
CA VAL B 68 13.01 24.28 -17.73
C VAL B 68 11.61 24.09 -17.14
N SER B 69 11.36 22.92 -16.54
CA SER B 69 10.05 22.60 -16.01
C SER B 69 9.69 23.51 -14.83
N TYR B 70 8.47 23.37 -14.35
CA TYR B 70 7.97 24.05 -13.14
C TYR B 70 8.28 25.55 -13.18
N ASN B 71 7.61 26.22 -14.10
CA ASN B 71 7.75 27.66 -14.28
C ASN B 71 6.40 28.23 -14.70
N GLN B 72 6.43 29.44 -15.24
CA GLN B 72 5.26 30.09 -15.82
C GLN B 72 5.54 30.51 -17.26
N LEU B 73 6.22 29.63 -17.99
CA LEU B 73 6.61 29.92 -19.36
C LEU B 73 5.39 30.03 -20.27
N THR B 74 5.62 30.47 -21.50
CA THR B 74 4.53 30.66 -22.45
C THR B 74 4.92 30.07 -23.80
N ASN B 75 6.20 30.15 -24.15
CA ASN B 75 6.68 29.64 -25.42
C ASN B 75 8.20 29.49 -25.33
N LEU B 76 8.72 28.34 -25.74
CA LEU B 76 10.14 28.10 -25.65
C LEU B 76 10.88 28.80 -26.79
N PRO B 77 12.11 29.25 -26.54
CA PRO B 77 12.96 29.73 -27.63
C PRO B 77 13.35 28.57 -28.54
N GLU B 78 14.02 28.91 -29.64
CA GLU B 78 14.44 27.90 -30.60
C GLU B 78 15.49 26.99 -29.95
N LEU B 79 15.13 25.72 -29.78
CA LEU B 79 16.04 24.79 -29.13
C LEU B 79 17.26 24.52 -30.01
N PRO B 80 18.44 24.39 -29.43
CA PRO B 80 19.62 24.09 -30.24
C PRO B 80 19.52 22.69 -30.86
N VAL B 81 20.14 22.55 -32.03
CA VAL B 81 20.07 21.30 -32.78
C VAL B 81 20.65 20.13 -31.99
N THR B 82 21.68 20.38 -31.19
CA THR B 82 22.36 19.32 -30.47
C THR B 82 21.53 18.73 -29.33
N LEU B 83 20.36 19.31 -29.04
CA LEU B 83 19.56 18.85 -27.91
C LEU B 83 19.11 17.41 -28.10
N LYS B 84 19.09 16.65 -27.01
CA LYS B 84 18.64 15.27 -27.03
C LYS B 84 17.59 14.94 -25.98
N LYS B 85 17.39 15.80 -24.98
CA LYS B 85 16.37 15.59 -23.95
C LYS B 85 15.76 16.94 -23.61
N LEU B 86 14.43 17.04 -23.75
CA LEU B 86 13.69 18.27 -23.44
C LEU B 86 12.72 17.97 -22.30
N TYR B 87 13.05 18.46 -21.10
CA TYR B 87 12.20 18.35 -19.93
C TYR B 87 11.61 19.72 -19.66
N SER B 88 10.37 19.94 -20.12
CA SER B 88 9.68 21.24 -19.99
C SER B 88 8.23 20.96 -19.63
N ALA B 89 7.97 20.72 -18.35
CA ALA B 89 6.65 20.33 -17.87
C ALA B 89 6.19 21.26 -16.76
N SER B 90 4.90 21.19 -16.46
CA SER B 90 4.28 21.87 -15.32
C SER B 90 4.39 23.39 -15.40
N ASN B 91 4.67 23.95 -16.58
CA ASN B 91 4.55 25.38 -16.80
C ASN B 91 3.36 25.62 -17.73
N LYS B 92 3.30 26.83 -18.32
CA LYS B 92 2.11 27.21 -19.07
C LYS B 92 2.40 27.40 -20.56
N LEU B 93 2.88 26.35 -21.21
CA LEU B 93 3.18 26.44 -22.64
C LEU B 93 1.89 26.42 -23.46
N SER B 94 1.97 27.02 -24.65
CA SER B 94 0.87 27.04 -25.60
C SER B 94 1.20 26.39 -26.94
N GLU B 95 2.48 26.30 -27.30
CA GLU B 95 2.91 25.66 -28.53
C GLU B 95 4.38 25.35 -28.42
N LEU B 96 4.80 24.27 -29.09
CA LEU B 96 6.19 23.82 -29.01
C LEU B 96 6.93 24.23 -30.27
N PRO B 97 8.02 24.99 -30.16
CA PRO B 97 8.87 25.22 -31.33
C PRO B 97 9.41 23.91 -31.88
N VAL B 98 9.86 23.97 -33.13
CA VAL B 98 10.24 22.75 -33.86
C VAL B 98 11.31 21.99 -33.08
N LEU B 99 11.09 20.69 -32.93
CA LEU B 99 11.99 19.84 -32.15
C LEU B 99 13.28 19.59 -32.93
N PRO B 100 14.42 19.55 -32.23
CA PRO B 100 15.68 19.22 -32.93
C PRO B 100 15.61 17.83 -33.53
N PRO B 101 16.35 17.59 -34.61
CA PRO B 101 16.25 16.28 -35.28
C PRO B 101 16.79 15.13 -34.47
N ALA B 102 17.69 15.37 -33.52
CA ALA B 102 18.30 14.31 -32.74
C ALA B 102 17.63 14.13 -31.38
N LEU B 103 16.41 14.63 -31.22
CA LEU B 103 15.73 14.55 -29.93
C LEU B 103 15.39 13.10 -29.59
N GLU B 104 15.55 12.75 -28.31
CA GLU B 104 15.29 11.40 -27.84
C GLU B 104 14.28 11.31 -26.72
N SER B 105 13.91 12.42 -26.08
CA SER B 105 12.97 12.40 -24.98
C SER B 105 12.29 13.76 -24.88
N LEU B 106 10.97 13.78 -25.05
CA LEU B 106 10.16 14.99 -24.95
C LEU B 106 9.23 14.83 -23.75
N GLN B 107 9.53 15.54 -22.67
CA GLN B 107 8.76 15.47 -21.43
C GLN B 107 8.08 16.81 -21.21
N VAL B 108 6.81 16.92 -21.60
CA VAL B 108 6.05 18.15 -21.46
C VAL B 108 4.63 17.83 -21.01
N GLN B 109 4.34 18.07 -19.73
CA GLN B 109 3.01 17.79 -19.18
C GLN B 109 2.59 18.93 -18.28
N HIS B 110 1.29 18.99 -18.01
CA HIS B 110 0.64 20.00 -17.19
C HIS B 110 0.69 21.39 -17.83
N ASN B 111 0.97 21.47 -19.11
CA ASN B 111 0.99 22.73 -19.84
C ASN B 111 -0.40 22.97 -20.45
N GLU B 112 -0.46 23.78 -21.49
CA GLU B 112 -1.69 24.06 -22.23
C GLU B 112 -1.44 23.96 -23.72
N LEU B 113 -0.71 22.92 -24.13
CA LEU B 113 -0.43 22.72 -25.54
C LEU B 113 -1.73 22.51 -26.32
N GLU B 114 -1.80 23.07 -27.52
CA GLU B 114 -2.94 22.90 -28.40
C GLU B 114 -2.68 21.93 -29.54
N ASN B 115 -1.43 21.80 -29.99
CA ASN B 115 -1.09 20.83 -31.01
C ASN B 115 0.42 20.60 -30.98
N LEU B 116 0.82 19.44 -31.48
CA LEU B 116 2.22 19.03 -31.46
C LEU B 116 2.82 19.12 -32.86
N PRO B 117 4.01 19.72 -33.00
CA PRO B 117 4.64 19.78 -34.33
C PRO B 117 5.26 18.45 -34.73
N ALA B 118 6.26 18.51 -35.61
CA ALA B 118 6.89 17.29 -36.13
C ALA B 118 7.62 16.53 -35.03
N LEU B 119 7.64 15.22 -35.15
CA LEU B 119 8.32 14.34 -34.20
C LEU B 119 9.41 13.56 -34.92
N PRO B 120 10.69 13.78 -34.62
CA PRO B 120 11.75 13.07 -35.34
C PRO B 120 11.74 11.58 -35.01
N ASP B 121 12.40 10.81 -35.87
CA ASP B 121 12.40 9.37 -35.76
C ASP B 121 13.17 8.85 -34.55
N SER B 122 13.83 9.74 -33.80
CA SER B 122 14.66 9.34 -32.67
C SER B 122 13.96 9.50 -31.32
N LEU B 123 12.67 9.85 -31.31
CA LEU B 123 11.94 9.95 -30.05
C LEU B 123 11.73 8.55 -29.48
N LEU B 124 12.38 8.27 -28.35
CA LEU B 124 12.19 7.00 -27.66
C LEU B 124 11.01 7.08 -26.69
N THR B 125 11.10 7.98 -25.71
CA THR B 125 10.03 8.23 -24.76
C THR B 125 9.46 9.62 -24.96
N MET B 126 8.23 9.80 -24.50
CA MET B 126 7.49 11.04 -24.74
C MET B 126 6.24 11.10 -23.86
N ASN B 127 6.04 12.22 -23.16
CA ASN B 127 4.89 12.39 -22.27
C ASN B 127 4.28 13.75 -22.55
N ILE B 128 3.04 13.74 -23.05
CA ILE B 128 2.29 14.95 -23.36
C ILE B 128 1.02 15.06 -22.51
N SER B 129 0.97 14.35 -21.39
CA SER B 129 -0.23 14.29 -20.57
C SER B 129 -0.59 15.68 -20.02
N TYR B 130 -1.81 15.78 -19.52
CA TYR B 130 -2.29 16.99 -18.85
C TYR B 130 -2.19 18.23 -19.75
N ASN B 131 -2.83 18.14 -20.91
CA ASN B 131 -2.80 19.22 -21.88
C ASN B 131 -4.10 19.21 -22.68
N GLU B 132 -4.12 19.97 -23.78
CA GLU B 132 -5.33 20.16 -24.58
C GLU B 132 -4.99 19.91 -26.07
N ILE B 133 -4.68 18.66 -26.39
CA ILE B 133 -4.36 18.26 -27.76
C ILE B 133 -5.57 17.59 -28.37
N VAL B 134 -5.81 17.85 -29.65
CA VAL B 134 -6.90 17.22 -30.38
C VAL B 134 -6.42 16.25 -31.45
N SER B 135 -5.20 16.40 -31.95
CA SER B 135 -4.69 15.55 -33.01
C SER B 135 -3.19 15.35 -32.82
N LEU B 136 -2.69 14.20 -33.27
CA LEU B 136 -1.27 13.89 -33.17
C LEU B 136 -0.74 13.41 -34.51
N PRO B 137 0.48 13.79 -34.86
CA PRO B 137 1.09 13.24 -36.08
C PRO B 137 1.40 11.76 -35.93
N SER B 138 1.89 11.16 -37.01
CA SER B 138 2.26 9.75 -36.97
C SER B 138 3.40 9.55 -35.99
N LEU B 139 3.17 8.67 -35.02
CA LEU B 139 4.18 8.42 -34.01
C LEU B 139 5.40 7.78 -34.67
N PRO B 140 6.61 8.22 -34.33
CA PRO B 140 7.81 7.74 -35.03
C PRO B 140 7.99 6.23 -34.89
N GLN B 141 8.94 5.72 -35.67
CA GLN B 141 9.14 4.28 -35.77
C GLN B 141 9.44 3.65 -34.42
N ALA B 142 10.23 4.33 -33.59
CA ALA B 142 10.72 3.76 -32.34
C ALA B 142 10.18 4.46 -31.10
N LEU B 143 9.06 5.18 -31.22
CA LEU B 143 8.47 5.79 -30.04
C LEU B 143 7.99 4.71 -29.08
N LYS B 144 8.65 4.60 -27.92
CA LYS B 144 8.42 3.49 -27.00
C LYS B 144 7.24 3.79 -26.07
N ASN B 145 7.42 4.73 -25.16
CA ASN B 145 6.41 5.08 -24.17
C ASN B 145 5.78 6.43 -24.54
N LEU B 146 4.45 6.46 -24.55
CA LEU B 146 3.70 7.69 -24.76
C LEU B 146 2.64 7.81 -23.68
N ARG B 147 2.53 9.00 -23.08
CA ARG B 147 1.51 9.29 -22.08
C ARG B 147 0.73 10.51 -22.53
N ALA B 148 -0.50 10.30 -23.00
CA ALA B 148 -1.44 11.39 -23.25
C ALA B 148 -2.65 11.20 -22.34
N THR B 149 -2.41 11.21 -21.03
CA THR B 149 -3.40 10.74 -20.06
C THR B 149 -4.54 11.72 -19.84
N ARG B 150 -4.47 12.94 -20.38
CA ARG B 150 -5.54 13.92 -20.15
C ARG B 150 -5.45 14.98 -21.26
N ASN B 151 -6.21 14.77 -22.33
CA ASN B 151 -6.28 15.72 -23.43
C ASN B 151 -7.70 15.71 -24.00
N PHE B 152 -7.85 16.16 -25.24
CA PHE B 152 -9.14 16.17 -25.93
C PHE B 152 -9.05 15.41 -27.24
N LEU B 153 -8.33 14.29 -27.25
CA LEU B 153 -8.11 13.55 -28.48
C LEU B 153 -9.44 13.00 -29.02
N THR B 154 -9.52 12.89 -30.35
CA THR B 154 -10.72 12.41 -31.01
C THR B 154 -10.54 11.05 -31.68
N GLU B 155 -9.37 10.80 -32.27
CA GLU B 155 -9.09 9.55 -32.95
C GLU B 155 -7.68 9.10 -32.59
N LEU B 156 -7.50 7.79 -32.43
CA LEU B 156 -6.19 7.27 -32.08
C LEU B 156 -5.23 7.42 -33.27
N PRO B 157 -3.99 7.81 -33.01
CA PRO B 157 -3.05 8.06 -34.12
C PRO B 157 -2.55 6.77 -34.75
N ALA B 158 -2.09 6.90 -35.98
CA ALA B 158 -1.54 5.78 -36.74
C ALA B 158 -0.06 5.63 -36.46
N PHE B 159 0.37 4.40 -36.24
CA PHE B 159 1.76 4.08 -35.97
C PHE B 159 2.44 3.59 -37.24
N SER B 160 3.70 4.00 -37.43
CA SER B 160 4.47 3.62 -38.62
C SER B 160 5.45 2.53 -38.23
N GLU B 161 4.97 1.29 -38.27
CA GLU B 161 5.79 0.13 -37.96
C GLU B 161 6.95 0.00 -38.95
N VAL B 167 7.22 -4.13 -27.61
CA VAL B 167 8.20 -3.10 -27.33
C VAL B 167 7.50 -1.75 -27.14
N ARG B 168 6.29 -1.64 -27.69
CA ARG B 168 5.53 -0.40 -27.64
C ARG B 168 4.57 -0.40 -26.45
N GLU B 169 4.33 0.79 -25.91
CA GLU B 169 3.48 0.91 -24.73
C GLU B 169 2.99 2.35 -24.53
N TYR B 170 1.91 2.71 -25.21
CA TYR B 170 1.25 4.00 -25.03
C TYR B 170 -0.12 3.80 -24.41
N PHE B 171 -0.46 4.61 -23.42
CA PHE B 171 -1.79 4.61 -22.83
C PHE B 171 -2.43 5.98 -23.01
N PHE B 172 -3.63 5.99 -23.58
CA PHE B 172 -4.38 7.22 -23.80
C PHE B 172 -5.54 7.31 -22.83
N ASP B 173 -5.21 7.32 -21.54
CA ASP B 173 -6.21 7.43 -20.49
C ASP B 173 -6.95 8.76 -20.60
N ARG B 174 -8.20 8.75 -20.15
CA ARG B 174 -9.04 9.94 -19.96
C ARG B 174 -8.98 10.86 -21.18
N ASN B 175 -9.61 10.40 -22.27
CA ASN B 175 -9.73 11.20 -23.48
C ASN B 175 -11.10 10.93 -24.10
N GLN B 176 -11.46 11.76 -25.08
CA GLN B 176 -12.76 11.64 -25.74
C GLN B 176 -12.59 11.08 -27.15
N ILE B 177 -11.91 9.93 -27.25
CA ILE B 177 -11.57 9.32 -28.52
C ILE B 177 -12.65 8.34 -28.96
N SER B 178 -12.72 7.19 -28.29
CA SER B 178 -13.84 6.27 -28.42
C SER B 178 -13.94 5.61 -29.78
N HIS B 179 -12.83 5.13 -30.32
CA HIS B 179 -12.84 4.51 -31.64
C HIS B 179 -11.58 3.68 -31.84
N ILE B 180 -11.74 2.47 -32.37
CA ILE B 180 -10.60 1.60 -32.69
C ILE B 180 -10.76 1.09 -34.12
N PRO B 181 -9.90 1.50 -35.06
CA PRO B 181 -10.00 0.98 -36.42
C PRO B 181 -9.16 -0.27 -36.63
N GLU B 182 -8.83 -0.58 -37.89
CA GLU B 182 -8.02 -1.75 -38.18
C GLU B 182 -6.56 -1.54 -37.78
N SER B 183 -6.06 -0.30 -37.93
CA SER B 183 -4.65 -0.02 -37.72
C SER B 183 -4.16 -0.44 -36.34
N ILE B 184 -5.06 -0.58 -35.37
CA ILE B 184 -4.68 -1.10 -34.06
C ILE B 184 -4.60 -2.62 -34.09
N LEU B 185 -5.61 -3.26 -34.68
CA LEU B 185 -5.69 -4.72 -34.72
C LEU B 185 -4.74 -5.33 -35.75
N ASN B 186 -3.85 -4.54 -36.34
CA ASN B 186 -2.84 -5.04 -37.25
C ASN B 186 -1.47 -5.16 -36.60
N LEU B 187 -1.34 -4.75 -35.33
CA LEU B 187 -0.09 -4.82 -34.61
C LEU B 187 -0.02 -6.14 -33.84
N ARG B 188 1.20 -6.64 -33.68
CA ARG B 188 1.39 -7.96 -33.06
C ARG B 188 1.21 -7.86 -31.55
N ASN B 189 1.50 -8.96 -30.86
CA ASN B 189 1.23 -9.07 -29.43
C ASN B 189 2.31 -8.41 -28.56
N GLU B 190 2.89 -7.30 -29.03
CA GLU B 190 3.86 -6.56 -28.23
C GLU B 190 3.41 -5.15 -27.89
N CYS B 191 2.37 -4.64 -28.52
CA CYS B 191 1.85 -3.32 -28.18
C CYS B 191 0.97 -3.40 -26.94
N SER B 192 0.78 -2.25 -26.30
CA SER B 192 -0.06 -2.15 -25.11
C SER B 192 -0.75 -0.80 -25.16
N ILE B 193 -2.05 -0.80 -25.44
CA ILE B 193 -2.81 0.43 -25.67
C ILE B 193 -3.89 0.49 -24.60
N HIS B 194 -3.57 1.11 -23.47
CA HIS B 194 -4.57 1.33 -22.43
C HIS B 194 -5.40 2.55 -22.81
N ILE B 195 -6.69 2.35 -23.06
CA ILE B 195 -7.57 3.43 -23.49
C ILE B 195 -8.78 3.49 -22.59
N SER B 196 -8.55 3.48 -21.28
CA SER B 196 -9.63 3.49 -20.31
C SER B 196 -10.22 4.89 -20.17
N ASP B 197 -11.38 4.96 -19.51
CA ASP B 197 -12.06 6.22 -19.21
C ASP B 197 -12.41 6.99 -20.48
N ASN B 198 -12.84 6.26 -21.51
CA ASN B 198 -13.21 6.84 -22.79
C ASN B 198 -14.63 6.45 -23.16
N PRO B 199 -15.43 7.39 -23.70
CA PRO B 199 -16.86 7.13 -24.02
C PRO B 199 -17.03 6.37 -25.32
N LEU B 200 -16.57 5.11 -25.32
CA LEU B 200 -16.45 4.34 -26.54
C LEU B 200 -17.82 4.00 -27.12
N SER B 201 -17.81 3.54 -28.37
CA SER B 201 -19.03 3.21 -29.08
C SER B 201 -19.75 2.05 -28.41
N SER B 202 -21.08 2.07 -28.48
CA SER B 202 -21.88 1.06 -27.81
C SER B 202 -21.70 -0.32 -28.44
N HIS B 203 -21.46 -0.39 -29.74
CA HIS B 203 -21.17 -1.67 -30.38
C HIS B 203 -19.70 -2.04 -30.22
N ALA B 204 -18.80 -1.04 -30.31
CA ALA B 204 -17.38 -1.30 -30.11
C ALA B 204 -17.05 -1.67 -28.67
N LEU B 205 -17.95 -1.40 -27.72
CA LEU B 205 -17.70 -1.76 -26.34
C LEU B 205 -17.61 -3.28 -26.16
N PRO B 206 -18.60 -4.07 -26.56
CA PRO B 206 -18.44 -5.53 -26.51
C PRO B 206 -17.87 -6.13 -27.79
N ALA B 207 -17.71 -5.34 -28.86
CA ALA B 207 -17.02 -5.85 -30.03
C ALA B 207 -15.61 -6.29 -29.69
N LEU B 208 -14.93 -5.52 -28.83
CA LEU B 208 -13.61 -5.94 -28.36
C LEU B 208 -13.69 -7.19 -27.51
N GLN B 209 -14.74 -7.30 -26.68
CA GLN B 209 -14.87 -8.45 -25.80
C GLN B 209 -14.94 -9.75 -26.60
N ARG B 210 -15.87 -9.83 -27.55
CA ARG B 210 -15.97 -11.02 -28.38
C ARG B 210 -14.80 -11.15 -29.35
N LEU B 211 -14.10 -10.05 -29.64
CA LEU B 211 -12.91 -10.12 -30.47
C LEU B 211 -11.71 -10.63 -29.67
N THR B 212 -11.51 -10.11 -28.46
CA THR B 212 -10.40 -10.55 -27.64
C THR B 212 -10.58 -11.97 -27.13
N SER B 213 -11.81 -12.45 -27.02
CA SER B 213 -12.08 -13.85 -26.65
C SER B 213 -12.04 -14.74 -27.91
N SER B 214 -10.87 -14.72 -28.54
CA SER B 214 -10.59 -15.41 -29.79
C SER B 214 -9.08 -15.60 -29.90
N PRO B 215 -8.55 -16.26 -30.93
CA PRO B 215 -7.09 -16.32 -31.09
C PRO B 215 -6.49 -14.97 -31.48
N ASP B 216 -6.51 -14.03 -30.54
CA ASP B 216 -6.01 -12.68 -30.82
C ASP B 216 -4.53 -12.58 -30.40
N TYR B 217 -3.71 -13.46 -30.99
CA TYR B 217 -2.26 -13.36 -30.86
C TYR B 217 -1.64 -12.67 -32.07
N HIS B 218 -2.46 -11.99 -32.88
CA HIS B 218 -1.99 -11.09 -33.91
C HIS B 218 -2.58 -9.70 -33.71
N GLY B 219 -2.92 -9.38 -32.46
CA GLY B 219 -3.40 -8.07 -32.10
C GLY B 219 -2.69 -7.55 -30.86
N PRO B 220 -3.06 -6.36 -30.40
CA PRO B 220 -2.40 -5.77 -29.24
C PRO B 220 -3.20 -5.92 -27.95
N ARG B 221 -2.52 -5.75 -26.81
CA ARG B 221 -3.22 -5.65 -25.53
C ARG B 221 -3.96 -4.32 -25.47
N ILE B 222 -5.25 -4.38 -25.12
CA ILE B 222 -6.09 -3.19 -25.05
C ILE B 222 -6.77 -3.17 -23.67
N TYR B 223 -6.36 -2.22 -22.84
CA TYR B 223 -6.92 -2.05 -21.51
C TYR B 223 -7.99 -0.96 -21.55
N PHE B 224 -9.13 -1.23 -20.94
CA PHE B 224 -10.21 -0.25 -20.88
C PHE B 224 -11.06 -0.44 -19.64
#